data_9OP1
#
_entry.id   9OP1
#
_cell.length_a   1.00
_cell.length_b   1.00
_cell.length_c   1.00
_cell.angle_alpha   90.00
_cell.angle_beta   90.00
_cell.angle_gamma   90.00
#
_symmetry.space_group_name_H-M   'P 1'
#
loop_
_entity.id
_entity.type
_entity.pdbx_description
1 polymer '10E8v4 Fab Heavy Chian'
2 polymer '10E8v4 Fab Light Chain'
3 polymer 'Transmembrane protein gp41,Fluoride export protein 1'
#
loop_
_entity_poly.entity_id
_entity_poly.type
_entity_poly.pdbx_seq_one_letter_code
_entity_poly.pdbx_strand_id
1 'polypeptide(L)'
;EVRLVESGGGLVKPGGSLRLSCSASGFDFDNAWMTWVRQPPGKGLEWVGRITGPGEGWSVDYAESVKGRFTISRDNTKNT
LYLEMNNVRTEDTGYYFCARTGKYYDFWSGYPPGEEYFQDWGQGTLVIVSSASTKGPSVFPLAPSSKSTSGGTAALGCLV
KDYFPEPVTVSWNSGALTSGVHTFPAVLQSSGLYSLSSVVTVPSSSLGTQTYICNVNHKPSNTKVDKKVEPK
;
A
2 'polypeptide(L)'
;SELTQDPAVSVALKQTVTITCRGDSLRSHYASWYQKKPGQAPVLLFYGKNNRPSGIPDRFSGSASGNRASLTITGAQAED
EADYYCSSRDKSGSRLSVFGGGTKLTVLSQPKAAPSVTLFPPSSEELQANKATLVCLISDFYPGAVTVAWKADSSPVKAG
VETTTPSKQSNNKYAASSYLSLTPEQWKSHRSYSCQVTHEGSTVEKTVAP
;
B
3 'polypeptide(L)'
;GGLWNWFDITNWLWYIKNLLNIVHGAIWGVLVRKGLMSLTTYSGSFLSGVIWANFAACVVMGLAIDGEVFWIRLLEEKDY
PNKGAIPVYTGLTTGFCGTVSSFSSVILEAFNKAADTDIGVRHHYPNGAYGIMQFLAVILAQFGLSIMGFHMGKQFSAVV
DNYLPLVTKRIYKVLELTSMILGVVLVVITCILIGVKKQGSWRSWTFSMLFAPFGALLRYYLSKFLNNKVSNFPLGTFTA
NFLGTLLLAVFTLLARGKLPGGKGHIVTNTIALHVLEGLDDGFCGGLTTVSTFVVELFGLKTLFSYRYGTISILVCFAGV
VLILGSYNWSVGLGGENLYFQSGSAWSHPQFEK
;
C
#
# COMPACT_ATOMS: atom_id res chain seq x y z
N GLU A 1 10.98 -5.77 29.93
CA GLU A 1 12.44 -5.78 30.07
C GLU A 1 13.08 -6.55 28.92
N VAL A 2 12.28 -6.83 27.89
CA VAL A 2 12.79 -7.55 26.73
C VAL A 2 13.86 -6.72 26.03
N ARG A 3 14.95 -7.39 25.64
CA ARG A 3 16.06 -6.72 24.99
C ARG A 3 16.66 -7.63 23.94
N LEU A 4 17.07 -7.04 22.82
CA LEU A 4 17.81 -7.74 21.77
C LEU A 4 19.08 -6.97 21.48
N VAL A 5 20.21 -7.66 21.52
CA VAL A 5 21.52 -7.05 21.28
C VAL A 5 22.16 -7.75 20.10
N GLU A 6 22.56 -6.98 19.09
CA GLU A 6 23.26 -7.49 17.93
C GLU A 6 24.76 -7.48 18.17
N SER A 7 25.48 -8.30 17.41
CA SER A 7 26.93 -8.37 17.52
C SER A 7 27.50 -8.98 16.27
N GLY A 8 28.75 -8.62 15.96
CA GLY A 8 29.43 -9.16 14.80
C GLY A 8 29.63 -8.16 13.69
N GLY A 9 29.85 -6.90 14.04
CA GLY A 9 30.05 -5.86 13.06
C GLY A 9 31.45 -5.86 12.49
N GLY A 10 31.88 -4.70 12.02
CA GLY A 10 33.22 -4.51 11.50
C GLY A 10 33.20 -4.38 9.98
N LEU A 11 34.36 -3.95 9.46
CA LEU A 11 34.51 -3.78 8.02
C LEU A 11 34.68 -5.12 7.34
N VAL A 12 34.13 -5.24 6.14
CA VAL A 12 34.22 -6.45 5.34
C VAL A 12 34.59 -6.06 3.92
N LYS A 13 35.56 -6.76 3.33
CA LYS A 13 35.88 -6.54 1.93
C LYS A 13 34.75 -7.07 1.06
N PRO A 14 34.39 -6.36 -0.01
CA PRO A 14 33.31 -6.83 -0.87
C PRO A 14 33.58 -8.22 -1.40
N GLY A 15 32.55 -9.05 -1.40
CA GLY A 15 32.68 -10.45 -1.76
C GLY A 15 33.07 -11.36 -0.63
N GLY A 16 33.39 -10.82 0.54
CA GLY A 16 33.76 -11.62 1.69
C GLY A 16 32.56 -12.23 2.38
N SER A 17 32.67 -12.41 3.70
CA SER A 17 31.60 -12.98 4.48
C SER A 17 31.61 -12.41 5.89
N LEU A 18 30.47 -12.48 6.54
CA LEU A 18 30.33 -12.00 7.91
C LEU A 18 29.10 -12.66 8.54
N ARG A 19 29.22 -12.98 9.82
CA ARG A 19 28.14 -13.64 10.55
C ARG A 19 27.69 -12.74 11.70
N LEU A 20 26.40 -12.46 11.76
CA LEU A 20 25.82 -11.56 12.75
C LEU A 20 24.99 -12.35 13.74
N SER A 21 25.21 -12.09 15.03
CA SER A 21 24.50 -12.77 16.10
C SER A 21 23.60 -11.80 16.83
N CYS A 22 22.54 -12.35 17.44
CA CYS A 22 21.57 -11.56 18.20
C CYS A 22 21.21 -12.30 19.48
N SER A 23 21.62 -11.75 20.61
CA SER A 23 21.24 -12.29 21.91
C SER A 23 19.85 -11.79 22.28
N ALA A 24 18.99 -12.71 22.72
CA ALA A 24 17.65 -12.35 23.13
C ALA A 24 17.23 -13.26 24.28
N SER A 25 16.45 -12.72 25.21
CA SER A 25 15.99 -13.47 26.36
C SER A 25 14.82 -12.74 26.99
N GLY A 26 14.21 -13.36 27.99
CA GLY A 26 13.11 -12.74 28.71
C GLY A 26 11.76 -12.87 28.03
N PHE A 27 11.64 -13.70 27.00
CA PHE A 27 10.38 -13.85 26.29
C PHE A 27 10.40 -15.21 25.59
N ASP A 28 9.20 -15.68 25.23
CA ASP A 28 9.10 -16.93 24.50
C ASP A 28 9.79 -16.80 23.15
N PHE A 29 10.81 -17.63 22.93
CA PHE A 29 11.67 -17.50 21.77
C PHE A 29 11.48 -18.61 20.75
N ASP A 30 11.02 -19.78 21.19
CA ASP A 30 10.77 -20.89 20.27
C ASP A 30 9.49 -20.72 19.47
N ASN A 31 8.66 -19.72 19.78
CA ASN A 31 7.40 -19.53 19.09
C ASN A 31 7.22 -18.13 18.54
N ALA A 32 8.26 -17.30 18.56
CA ALA A 32 8.20 -15.92 18.13
C ALA A 32 9.11 -15.71 16.93
N TRP A 33 8.61 -15.00 15.93
CA TRP A 33 9.38 -14.77 14.72
C TRP A 33 10.43 -13.69 14.95
N MET A 34 11.53 -13.78 14.19
CA MET A 34 12.57 -12.77 14.14
C MET A 34 12.66 -12.19 12.74
N THR A 35 12.91 -10.88 12.65
CA THR A 35 12.97 -10.17 11.39
C THR A 35 14.22 -9.30 11.36
N TRP A 36 15.01 -9.45 10.30
CA TRP A 36 16.22 -8.65 10.10
C TRP A 36 15.86 -7.41 9.31
N VAL A 37 16.16 -6.25 9.88
CA VAL A 37 15.91 -4.97 9.21
C VAL A 37 17.21 -4.18 9.20
N ARG A 38 17.55 -3.60 8.06
CA ARG A 38 18.78 -2.86 7.89
C ARG A 38 18.48 -1.42 7.49
N GLN A 39 19.41 -0.53 7.83
CA GLN A 39 19.26 0.89 7.49
C GLN A 39 20.58 1.47 7.02
N PRO A 40 20.72 1.79 5.74
CA PRO A 40 21.89 2.54 5.28
C PRO A 40 21.93 3.90 5.95
N PRO A 41 23.12 4.39 6.30
CA PRO A 41 23.19 5.65 7.05
C PRO A 41 22.59 6.81 6.27
N GLY A 42 21.82 7.64 6.98
CA GLY A 42 21.22 8.82 6.40
C GLY A 42 20.09 8.56 5.42
N LYS A 43 19.66 7.32 5.28
CA LYS A 43 18.60 6.95 4.33
C LYS A 43 17.48 6.23 5.08
N GLY A 44 16.50 5.78 4.32
CA GLY A 44 15.41 5.01 4.90
C GLY A 44 15.78 3.55 5.06
N LEU A 45 15.28 2.96 6.15
CA LEU A 45 15.59 1.57 6.46
C LEU A 45 14.87 0.62 5.52
N GLU A 46 15.42 -0.58 5.38
CA GLU A 46 14.96 -1.56 4.41
C GLU A 46 14.77 -2.92 5.06
N TRP A 47 13.89 -3.71 4.45
CA TRP A 47 13.61 -5.06 4.92
C TRP A 47 14.64 -6.04 4.37
N VAL A 48 15.12 -6.93 5.23
CA VAL A 48 16.05 -7.98 4.80
C VAL A 48 15.31 -9.31 4.72
N GLY A 49 14.78 -9.77 5.84
CA GLY A 49 14.09 -11.05 5.85
C GLY A 49 13.58 -11.38 7.24
N ARG A 50 12.71 -12.38 7.28
CA ARG A 50 12.11 -12.86 8.51
C ARG A 50 12.23 -14.37 8.56
N ILE A 51 12.24 -14.92 9.77
CA ILE A 51 12.34 -16.37 9.95
C ILE A 51 11.25 -16.81 10.90
N THR A 52 10.56 -17.89 10.54
CA THR A 52 9.37 -18.33 11.27
C THR A 52 9.76 -19.31 12.37
N GLY A 53 8.76 -19.98 12.95
CA GLY A 53 8.98 -20.90 14.04
C GLY A 53 8.50 -22.30 13.74
N PRO A 54 7.82 -22.92 14.72
CA PRO A 54 7.25 -24.25 14.49
C PRO A 54 5.97 -24.23 13.70
N GLY A 55 5.40 -23.06 13.44
CA GLY A 55 4.17 -23.00 12.67
C GLY A 55 4.33 -23.51 11.26
N GLU A 56 5.50 -23.30 10.65
CA GLU A 56 5.75 -23.73 9.30
C GLU A 56 7.03 -24.54 9.15
N GLY A 57 7.75 -24.78 10.25
CA GLY A 57 9.03 -25.46 10.16
C GLY A 57 10.21 -24.55 9.95
N TRP A 58 10.16 -23.34 10.51
CA TRP A 58 11.25 -22.35 10.39
C TRP A 58 11.52 -22.02 8.92
N SER A 59 10.50 -21.44 8.29
CA SER A 59 10.60 -20.99 6.91
C SER A 59 11.35 -19.66 6.85
N VAL A 60 11.67 -19.24 5.62
CA VAL A 60 12.48 -18.05 5.39
C VAL A 60 11.82 -17.19 4.32
N ASP A 61 12.22 -15.92 4.30
CA ASP A 61 11.84 -14.96 3.28
C ASP A 61 12.98 -13.96 3.13
N TYR A 62 13.01 -13.26 2.00
CA TYR A 62 14.12 -12.37 1.71
C TYR A 62 13.65 -11.25 0.80
N ALA A 63 14.44 -10.18 0.78
CA ALA A 63 14.16 -9.04 -0.09
C ALA A 63 14.62 -9.33 -1.51
N GLU A 64 13.98 -8.67 -2.47
CA GLU A 64 14.24 -8.95 -3.88
C GLU A 64 15.68 -8.63 -4.26
N SER A 65 16.32 -7.72 -3.53
CA SER A 65 17.73 -7.41 -3.76
C SER A 65 18.66 -8.26 -2.90
N VAL A 66 18.11 -9.21 -2.16
CA VAL A 66 18.88 -9.97 -1.19
C VAL A 66 18.73 -11.47 -1.46
N LYS A 67 17.63 -11.85 -2.11
CA LYS A 67 17.31 -13.26 -2.30
C LYS A 67 18.44 -13.98 -3.01
N GLY A 68 19.03 -14.95 -2.31
CA GLY A 68 20.14 -15.72 -2.84
C GLY A 68 21.50 -15.29 -2.33
N ARG A 69 21.61 -14.11 -1.72
CA ARG A 69 22.88 -13.60 -1.23
C ARG A 69 23.03 -13.68 0.27
N PHE A 70 21.94 -13.69 1.02
CA PHE A 70 21.98 -13.79 2.47
C PHE A 70 21.48 -15.17 2.90
N THR A 71 21.60 -15.44 4.19
CA THR A 71 21.11 -16.69 4.77
C THR A 71 20.66 -16.41 6.19
N ILE A 72 19.43 -16.79 6.52
CA ILE A 72 18.88 -16.62 7.85
C ILE A 72 18.57 -17.99 8.44
N SER A 73 19.13 -18.26 9.62
CA SER A 73 18.86 -19.51 10.31
C SER A 73 18.87 -19.22 11.80
N ARG A 74 18.15 -20.05 12.55
CA ARG A 74 17.96 -19.83 13.97
C ARG A 74 18.32 -21.09 14.75
N ASP A 75 19.01 -20.89 15.87
CA ASP A 75 19.36 -21.96 16.80
C ASP A 75 18.55 -21.72 18.08
N ASN A 76 17.48 -22.51 18.26
CA ASN A 76 16.59 -22.29 19.39
C ASN A 76 17.24 -22.68 20.71
N THR A 77 18.16 -23.64 20.70
CA THR A 77 18.76 -24.10 21.94
C THR A 77 19.55 -23.01 22.62
N LYS A 78 20.29 -22.21 21.87
CA LYS A 78 21.13 -21.16 22.43
C LYS A 78 20.41 -19.82 22.53
N ASN A 79 19.15 -19.75 22.11
CA ASN A 79 18.34 -18.53 22.23
C ASN A 79 19.02 -17.34 21.54
N THR A 80 19.55 -17.59 20.35
CA THR A 80 20.23 -16.56 19.58
C THR A 80 19.81 -16.63 18.12
N LEU A 81 19.88 -15.47 17.46
CA LEU A 81 19.56 -15.35 16.04
C LEU A 81 20.84 -15.12 15.25
N TYR A 82 21.00 -15.86 14.16
CA TYR A 82 22.20 -15.81 13.34
C TYR A 82 21.87 -15.32 11.94
N LEU A 83 22.74 -14.47 11.40
CA LEU A 83 22.63 -13.96 10.05
C LEU A 83 23.95 -14.17 9.33
N GLU A 84 23.89 -14.73 8.13
CA GLU A 84 25.09 -15.04 7.35
C GLU A 84 25.05 -14.28 6.05
N MET A 85 26.17 -13.65 5.70
CA MET A 85 26.28 -12.89 4.45
C MET A 85 27.46 -13.43 3.65
N ASN A 86 27.24 -13.63 2.35
CA ASN A 86 28.34 -13.92 1.43
C ASN A 86 28.08 -13.18 0.13
N ASN A 87 29.17 -12.85 -0.57
CA ASN A 87 29.12 -12.02 -1.76
C ASN A 87 28.41 -10.69 -1.46
N VAL A 88 29.01 -9.94 -0.55
CA VAL A 88 28.42 -8.69 -0.06
C VAL A 88 28.68 -7.59 -1.08
N ARG A 89 27.62 -6.93 -1.51
CA ARG A 89 27.74 -5.76 -2.36
C ARG A 89 27.92 -4.51 -1.52
N THR A 90 28.34 -3.42 -2.17
CA THR A 90 28.62 -2.19 -1.45
C THR A 90 27.37 -1.57 -0.84
N GLU A 91 26.18 -1.96 -1.30
CA GLU A 91 24.94 -1.41 -0.78
C GLU A 91 24.52 -2.02 0.55
N ASP A 92 25.13 -3.14 0.94
CA ASP A 92 24.73 -3.82 2.17
C ASP A 92 25.10 -3.05 3.43
N THR A 93 25.89 -1.99 3.32
CA THR A 93 26.34 -1.26 4.49
C THR A 93 25.17 -0.60 5.20
N GLY A 94 25.35 -0.36 6.49
CA GLY A 94 24.36 0.31 7.29
C GLY A 94 24.19 -0.38 8.62
N TYR A 95 23.19 0.05 9.38
CA TYR A 95 22.89 -0.56 10.66
C TYR A 95 21.99 -1.77 10.45
N TYR A 96 22.37 -2.90 11.04
CA TYR A 96 21.51 -4.09 11.08
C TYR A 96 20.80 -4.18 12.41
N PHE A 97 19.47 -4.29 12.36
CA PHE A 97 18.63 -4.49 13.52
C PHE A 97 17.95 -5.84 13.41
N CYS A 98 17.85 -6.56 14.53
CA CYS A 98 17.04 -7.77 14.61
C CYS A 98 15.90 -7.50 15.58
N ALA A 99 14.67 -7.61 15.10
CA ALA A 99 13.51 -7.22 15.86
C ALA A 99 12.49 -8.35 15.89
N ARG A 100 11.91 -8.58 17.06
CA ARG A 100 10.87 -9.59 17.20
C ARG A 100 9.66 -9.19 16.38
N THR A 101 9.00 -10.19 15.79
CA THR A 101 7.89 -9.97 14.88
C THR A 101 6.59 -10.39 15.55
N GLY A 102 5.59 -9.51 15.49
CA GLY A 102 4.24 -9.87 15.89
C GLY A 102 3.39 -10.21 14.69
N LYS A 103 2.28 -10.87 14.96
CA LYS A 103 1.36 -11.31 13.92
C LYS A 103 -0.01 -10.68 14.17
N TYR A 104 -0.62 -10.17 13.11
CA TYR A 104 -1.89 -9.48 13.23
C TYR A 104 -2.77 -9.76 12.02
N TYR A 105 -3.99 -10.21 12.26
CA TYR A 105 -4.96 -10.44 11.20
C TYR A 105 -6.35 -10.31 11.77
N ASP A 106 -7.02 -9.21 11.43
CA ASP A 106 -8.41 -9.03 11.85
C ASP A 106 -9.29 -10.06 11.16
N PHE A 107 -10.28 -10.56 11.89
CA PHE A 107 -11.07 -11.67 11.38
C PHE A 107 -12.13 -11.24 10.37
N TRP A 108 -12.48 -9.96 10.33
CA TRP A 108 -13.51 -9.48 9.41
C TRP A 108 -12.96 -8.61 8.29
N SER A 109 -11.99 -7.76 8.56
CA SER A 109 -11.37 -6.94 7.53
C SER A 109 -9.90 -7.31 7.42
N GLY A 110 -9.48 -7.71 6.24
CA GLY A 110 -8.11 -8.13 6.03
C GLY A 110 -8.00 -9.03 4.83
N TYR A 111 -6.79 -9.56 4.64
CA TYR A 111 -6.49 -10.41 3.50
C TYR A 111 -5.26 -11.20 3.87
N PRO A 112 -5.19 -12.49 3.55
CA PRO A 112 -4.09 -13.31 4.06
C PRO A 112 -2.78 -12.91 3.41
N PRO A 113 -1.66 -13.05 4.12
CA PRO A 113 -1.52 -13.51 5.50
C PRO A 113 -1.42 -12.38 6.50
N GLY A 114 -2.16 -11.29 6.33
CA GLY A 114 -2.21 -10.24 7.32
C GLY A 114 -0.93 -9.43 7.38
N GLU A 115 -0.94 -8.45 8.27
CA GLU A 115 0.19 -7.55 8.44
C GLU A 115 1.19 -8.15 9.43
N GLU A 116 2.35 -7.49 9.53
CA GLU A 116 3.32 -7.83 10.58
C GLU A 116 3.76 -6.56 11.27
N TYR A 117 3.79 -6.60 12.60
CA TYR A 117 4.21 -5.49 13.42
C TYR A 117 5.26 -5.95 14.41
N PHE A 118 6.27 -5.10 14.64
CA PHE A 118 7.42 -5.45 15.47
C PHE A 118 7.20 -4.87 16.86
N GLN A 119 6.96 -5.74 17.84
CA GLN A 119 6.65 -5.30 19.18
C GLN A 119 7.85 -4.71 19.92
N ASP A 120 9.05 -4.83 19.37
CA ASP A 120 10.23 -4.24 19.97
C ASP A 120 11.36 -4.31 18.95
N TRP A 121 12.46 -3.62 19.25
CA TRP A 121 13.62 -3.62 18.37
C TRP A 121 14.87 -3.79 19.23
N GLY A 122 16.03 -3.79 18.56
CA GLY A 122 17.31 -3.94 19.23
C GLY A 122 18.19 -2.72 19.02
N GLN A 123 19.25 -2.65 19.81
CA GLN A 123 20.12 -1.48 19.77
C GLN A 123 20.76 -1.30 18.41
N GLY A 124 21.23 -2.39 17.80
CA GLY A 124 21.76 -2.32 16.46
C GLY A 124 23.25 -2.59 16.35
N THR A 125 23.68 -2.99 15.16
CA THR A 125 25.08 -3.23 14.87
C THR A 125 25.46 -2.54 13.58
N LEU A 126 26.74 -2.20 13.44
CA LEU A 126 27.24 -1.45 12.31
C LEU A 126 28.14 -2.31 11.44
N VAL A 127 27.88 -2.31 10.14
CA VAL A 127 28.73 -2.98 9.16
C VAL A 127 29.05 -1.97 8.06
N ILE A 128 30.32 -1.91 7.67
CA ILE A 128 30.79 -0.96 6.66
C ILE A 128 31.45 -1.80 5.57
N VAL A 129 30.75 -2.00 4.45
CA VAL A 129 31.31 -2.73 3.31
C VAL A 129 31.95 -1.68 2.40
N SER A 130 33.26 -1.51 2.57
CA SER A 130 34.03 -0.53 1.84
C SER A 130 35.23 -1.20 1.19
N SER A 131 35.53 -0.79 -0.05
CA SER A 131 36.68 -1.29 -0.78
C SER A 131 37.95 -0.54 -0.46
N ALA A 132 37.90 0.44 0.44
CA ALA A 132 39.04 1.26 0.77
C ALA A 132 39.83 0.61 1.90
N SER A 133 40.85 1.33 2.39
CA SER A 133 41.71 0.83 3.45
C SER A 133 42.34 2.03 4.15
N THR A 134 43.17 1.74 5.14
CA THR A 134 43.85 2.79 5.90
C THR A 134 44.77 3.59 4.99
N LYS A 135 44.40 4.84 4.73
CA LYS A 135 45.17 5.71 3.86
C LYS A 135 45.26 7.10 4.46
N GLY A 136 46.42 7.73 4.32
CA GLY A 136 46.66 9.03 4.88
C GLY A 136 45.82 10.11 4.25
N PRO A 137 45.51 11.16 5.01
CA PRO A 137 44.72 12.27 4.49
C PRO A 137 45.56 13.21 3.64
N SER A 138 44.86 14.11 2.97
CA SER A 138 45.49 15.17 2.19
C SER A 138 45.07 16.53 2.73
N VAL A 139 45.85 17.55 2.39
CA VAL A 139 45.56 18.92 2.78
C VAL A 139 45.60 19.81 1.54
N PHE A 140 44.45 20.39 1.21
CA PHE A 140 44.33 21.35 0.11
C PHE A 140 43.85 22.67 0.69
N PRO A 141 44.60 23.77 0.56
CA PRO A 141 44.17 25.04 1.15
C PRO A 141 42.96 25.61 0.41
N LEU A 142 41.87 25.83 1.15
CA LEU A 142 40.68 26.47 0.61
C LEU A 142 40.90 27.97 0.64
N ALA A 143 41.32 28.52 -0.49
CA ALA A 143 41.63 29.94 -0.55
C ALA A 143 40.39 30.77 -0.27
N PRO A 144 40.50 31.81 0.56
CA PRO A 144 39.34 32.65 0.86
C PRO A 144 38.94 33.60 -0.26
N SER A 145 39.47 33.37 -1.47
CA SER A 145 38.97 34.05 -2.68
C SER A 145 39.13 35.57 -2.55
N SER A 146 40.39 36.01 -2.65
CA SER A 146 40.83 37.36 -2.29
C SER A 146 39.83 38.46 -2.65
N LYS A 147 39.08 38.29 -3.74
CA LYS A 147 38.07 39.28 -4.09
C LYS A 147 36.93 39.23 -3.08
N SER A 148 36.19 38.12 -3.06
CA SER A 148 35.10 37.85 -2.12
C SER A 148 34.35 39.10 -1.70
N THR A 149 34.29 39.33 -0.38
CA THR A 149 33.81 40.57 0.21
C THR A 149 34.97 41.30 0.88
N SER A 150 34.74 42.56 1.21
CA SER A 150 35.76 43.40 1.83
C SER A 150 35.41 43.90 3.22
N GLY A 151 34.14 43.88 3.60
CA GLY A 151 33.74 44.36 4.91
C GLY A 151 32.89 43.36 5.69
N GLY A 152 32.41 42.34 5.00
CA GLY A 152 31.57 41.33 5.62
C GLY A 152 32.37 40.24 6.29
N THR A 153 31.72 39.10 6.47
CA THR A 153 32.33 37.91 7.06
C THR A 153 32.64 36.92 5.94
N ALA A 154 33.91 36.78 5.60
CA ALA A 154 34.35 35.87 4.56
C ALA A 154 34.49 34.47 5.14
N ALA A 155 35.08 33.55 4.37
CA ALA A 155 35.24 32.18 4.80
C ALA A 155 36.50 31.58 4.20
N LEU A 156 37.14 30.69 4.96
CA LEU A 156 38.32 29.98 4.49
C LEU A 156 38.48 28.72 5.34
N GLY A 157 38.91 27.64 4.70
CA GLY A 157 39.03 26.36 5.37
C GLY A 157 40.06 25.47 4.73
N CYS A 158 39.84 24.16 4.86
CA CYS A 158 40.77 23.16 4.34
C CYS A 158 39.98 22.00 3.74
N LEU A 159 40.51 21.47 2.63
CA LEU A 159 39.94 20.29 1.99
C LEU A 159 40.67 19.05 2.50
N VAL A 160 40.24 18.58 3.66
CA VAL A 160 40.70 17.27 4.13
C VAL A 160 40.05 16.22 3.24
N LYS A 161 40.83 15.63 2.34
CA LYS A 161 40.31 14.76 1.32
C LYS A 161 41.06 13.43 1.34
N ASP A 162 40.34 12.36 0.98
CA ASP A 162 40.91 11.02 0.83
C ASP A 162 41.55 10.54 2.13
N TYR A 163 40.72 10.41 3.16
CA TYR A 163 41.14 9.87 4.43
C TYR A 163 40.12 8.83 4.90
N PHE A 164 40.61 7.82 5.60
CA PHE A 164 39.78 6.70 6.00
C PHE A 164 40.50 5.86 7.05
N PRO A 165 39.81 5.40 8.09
CA PRO A 165 38.39 5.63 8.40
C PRO A 165 38.18 6.87 9.27
N GLU A 166 36.98 7.02 9.84
CA GLU A 166 36.70 8.16 10.70
C GLU A 166 37.50 8.04 12.00
N PRO A 167 37.80 9.17 12.65
CA PRO A 167 37.56 10.55 12.22
C PRO A 167 38.85 11.22 11.81
N VAL A 168 38.81 12.51 11.47
CA VAL A 168 40.02 13.27 11.21
C VAL A 168 40.29 14.31 12.30
N THR A 169 39.26 14.84 12.95
CA THR A 169 39.40 15.79 14.06
C THR A 169 40.36 16.92 13.70
N VAL A 170 39.99 17.68 12.67
CA VAL A 170 40.81 18.80 12.24
C VAL A 170 40.90 19.84 13.34
N SER A 171 42.08 20.43 13.49
CA SER A 171 42.32 21.48 14.45
C SER A 171 42.64 22.77 13.71
N TRP A 172 42.72 23.87 14.47
CA TRP A 172 42.90 25.20 13.89
C TRP A 172 43.74 26.04 14.84
N ASN A 173 44.86 26.55 14.33
CA ASN A 173 45.77 27.40 15.09
C ASN A 173 46.24 26.71 16.37
N SER A 174 46.27 25.37 16.36
CA SER A 174 46.56 24.58 17.55
C SER A 174 45.62 24.95 18.70
N GLY A 175 44.37 25.25 18.36
CA GLY A 175 43.37 25.64 19.33
C GLY A 175 43.38 27.12 19.69
N ALA A 176 44.25 27.93 19.10
CA ALA A 176 44.32 29.34 19.46
C ALA A 176 43.05 30.09 19.05
N LEU A 177 42.52 29.79 17.88
CA LEU A 177 41.37 30.49 17.34
C LEU A 177 40.17 29.56 17.22
N THR A 178 39.01 30.03 17.66
CA THR A 178 37.77 29.26 17.57
C THR A 178 36.60 30.14 17.13
N SER A 179 36.87 31.14 16.29
CA SER A 179 35.84 32.08 15.86
C SER A 179 34.91 31.44 14.85
N GLY A 180 33.84 30.82 15.34
CA GLY A 180 32.89 30.15 14.45
C GLY A 180 33.49 28.99 13.68
N VAL A 181 34.28 28.16 14.36
CA VAL A 181 34.93 27.01 13.72
C VAL A 181 33.95 25.84 13.74
N HIS A 182 33.55 25.38 12.56
CA HIS A 182 32.75 24.17 12.41
C HIS A 182 33.49 23.15 11.56
N THR A 183 33.50 21.91 12.02
CA THR A 183 34.05 20.78 11.26
C THR A 183 32.87 20.02 10.68
N PHE A 184 32.57 20.29 9.41
CA PHE A 184 31.37 19.71 8.80
C PHE A 184 31.50 18.20 8.68
N PRO A 185 30.38 17.49 8.67
CA PRO A 185 30.43 16.03 8.55
C PRO A 185 31.03 15.60 7.22
N ALA A 186 31.72 14.46 7.25
CA ALA A 186 32.38 13.93 6.07
C ALA A 186 31.36 13.45 5.05
N VAL A 187 31.77 13.46 3.79
CA VAL A 187 30.93 13.01 2.68
C VAL A 187 31.49 11.72 2.12
N LEU A 188 30.58 10.85 1.66
CA LEU A 188 30.95 9.58 1.05
C LEU A 188 30.99 9.73 -0.45
N GLN A 189 32.19 9.68 -1.03
CA GLN A 189 32.34 9.69 -2.47
C GLN A 189 32.14 8.27 -3.02
N SER A 190 32.24 8.14 -4.35
CA SER A 190 32.04 6.84 -4.98
C SER A 190 33.12 5.85 -4.57
N SER A 191 34.37 6.31 -4.49
CA SER A 191 35.49 5.44 -4.18
C SER A 191 35.58 5.08 -2.70
N GLY A 192 34.56 5.40 -1.92
CA GLY A 192 34.56 5.06 -0.50
C GLY A 192 35.64 5.73 0.31
N LEU A 193 35.98 6.97 -0.01
CA LEU A 193 36.95 7.76 0.73
C LEU A 193 36.22 8.91 1.42
N TYR A 194 36.26 8.91 2.74
CA TYR A 194 35.68 10.01 3.51
C TYR A 194 36.45 11.30 3.25
N SER A 195 35.73 12.41 3.22
CA SER A 195 36.33 13.72 3.00
C SER A 195 35.42 14.77 3.61
N LEU A 196 36.03 15.76 4.27
CA LEU A 196 35.26 16.82 4.91
C LEU A 196 36.06 18.11 4.88
N SER A 197 35.33 19.22 4.97
CA SER A 197 35.92 20.55 5.02
C SER A 197 35.44 21.28 6.26
N SER A 198 36.38 21.90 6.96
CA SER A 198 36.06 22.73 8.12
C SER A 198 36.44 24.17 7.80
N VAL A 199 35.59 25.10 8.21
CA VAL A 199 35.76 26.52 7.89
C VAL A 199 35.67 27.33 9.17
N VAL A 200 36.47 28.37 9.25
CA VAL A 200 36.42 29.34 10.35
C VAL A 200 35.79 30.63 9.82
N THR A 201 34.82 31.15 10.56
CA THR A 201 34.11 32.36 10.14
C THR A 201 35.05 33.55 10.29
N VAL A 202 35.64 33.97 9.17
CA VAL A 202 36.62 35.04 9.19
C VAL A 202 35.98 36.35 8.69
N PRO A 203 36.25 37.47 9.33
CA PRO A 203 35.84 38.76 8.75
C PRO A 203 36.62 39.04 7.49
N SER A 204 36.00 39.79 6.59
CA SER A 204 36.70 40.17 5.36
C SER A 204 37.79 41.19 5.59
N SER A 205 38.05 41.55 6.85
CA SER A 205 39.13 42.46 7.21
C SER A 205 40.36 41.72 7.73
N SER A 206 40.57 40.48 7.28
CA SER A 206 41.73 39.72 7.73
C SER A 206 43.03 40.42 7.32
N LEU A 207 43.10 40.88 6.07
CA LEU A 207 44.22 41.66 5.53
C LEU A 207 45.58 41.03 5.87
N GLY A 208 45.61 39.71 5.95
CA GLY A 208 46.85 38.99 6.14
C GLY A 208 47.28 38.83 7.59
N THR A 209 47.17 39.90 8.38
CA THR A 209 47.59 39.85 9.77
C THR A 209 46.79 38.81 10.55
N GLN A 210 45.50 38.67 10.23
CA GLN A 210 44.71 37.58 10.80
C GLN A 210 45.16 36.27 10.17
N THR A 211 46.10 35.58 10.81
CA THR A 211 46.67 34.36 10.27
C THR A 211 45.94 33.15 10.83
N TYR A 212 45.59 32.21 9.96
CA TYR A 212 44.89 31.00 10.34
C TYR A 212 45.66 29.80 9.81
N ILE A 213 46.28 29.04 10.71
CA ILE A 213 47.04 27.86 10.35
C ILE A 213 46.16 26.64 10.63
N CYS A 214 46.24 25.63 9.77
CA CYS A 214 45.25 24.56 9.69
C CYS A 214 45.91 23.24 10.05
N ASN A 215 45.43 22.61 11.12
CA ASN A 215 46.04 21.42 11.68
C ASN A 215 45.18 20.20 11.36
N VAL A 216 45.77 19.22 10.67
CA VAL A 216 45.10 17.98 10.32
C VAL A 216 45.88 16.83 10.95
N ASN A 217 45.17 15.95 11.66
CA ASN A 217 45.81 14.91 12.47
C ASN A 217 44.96 13.65 12.41
N HIS A 218 45.45 12.64 11.67
CA HIS A 218 44.71 11.41 11.42
C HIS A 218 45.30 10.29 12.27
N LYS A 219 44.57 9.91 13.33
CA LYS A 219 45.05 8.86 14.24
C LYS A 219 45.22 7.50 13.59
N PRO A 220 44.23 6.95 12.85
CA PRO A 220 44.40 5.58 12.35
C PRO A 220 45.64 5.37 11.49
N SER A 221 46.00 6.36 10.68
CA SER A 221 47.25 6.31 9.93
C SER A 221 48.39 7.00 10.65
N ASN A 222 48.13 7.60 11.82
CA ASN A 222 49.15 8.29 12.60
C ASN A 222 49.88 9.34 11.77
N THR A 223 49.13 10.06 10.94
CA THR A 223 49.68 11.08 10.06
C THR A 223 49.30 12.45 10.61
N LYS A 224 50.31 13.28 10.85
CA LYS A 224 50.12 14.64 11.35
C LYS A 224 50.65 15.61 10.29
N VAL A 225 49.75 16.31 9.63
CA VAL A 225 50.09 17.18 8.50
C VAL A 225 49.52 18.57 8.75
N ASP A 226 50.28 19.58 8.35
CA ASP A 226 49.92 20.98 8.56
C ASP A 226 49.85 21.69 7.21
N LYS A 227 48.88 22.60 7.09
CA LYS A 227 48.71 23.38 5.87
C LYS A 227 48.28 24.79 6.23
N LYS A 228 48.66 25.74 5.39
CA LYS A 228 48.37 27.15 5.60
C LYS A 228 47.39 27.66 4.54
N VAL A 229 46.43 28.47 4.97
CA VAL A 229 45.42 29.04 4.09
C VAL A 229 45.83 30.46 3.75
N GLU A 230 45.92 30.76 2.45
CA GLU A 230 46.29 32.09 1.99
C GLU A 230 45.42 32.45 0.79
N PRO A 231 44.85 33.64 0.75
CA PRO A 231 43.95 34.00 -0.35
C PRO A 231 44.70 34.19 -1.67
N LYS A 232 43.95 34.02 -2.76
CA LYS A 232 44.50 34.14 -4.11
C LYS A 232 45.09 35.54 -4.33
N SER B 1 10.15 1.77 -5.70
CA SER B 1 9.52 2.47 -4.58
C SER B 1 8.07 2.02 -4.43
N GLU B 2 7.87 0.90 -3.73
CA GLU B 2 6.52 0.39 -3.54
C GLU B 2 5.70 1.31 -2.65
N LEU B 3 6.33 1.91 -1.64
CA LEU B 3 5.68 2.84 -0.73
C LEU B 3 6.26 4.23 -0.92
N THR B 4 5.40 5.24 -0.89
CA THR B 4 5.80 6.62 -1.07
C THR B 4 5.32 7.45 0.11
N GLN B 5 6.09 8.49 0.44
CA GLN B 5 5.79 9.34 1.58
C GLN B 5 6.24 10.76 1.29
N ASP B 6 5.78 11.67 2.15
CA ASP B 6 6.29 13.03 2.12
C ASP B 6 7.67 13.07 2.76
N PRO B 7 8.69 13.56 2.06
CA PRO B 7 10.05 13.54 2.64
C PRO B 7 10.19 14.32 3.94
N ALA B 8 9.48 15.44 4.09
CA ALA B 8 9.61 16.25 5.29
C ALA B 8 8.31 17.02 5.54
N VAL B 9 7.98 17.16 6.82
CA VAL B 9 6.79 17.89 7.25
C VAL B 9 7.16 18.75 8.46
N SER B 10 6.58 19.94 8.53
CA SER B 10 6.83 20.86 9.64
C SER B 10 5.52 21.19 10.33
N VAL B 11 5.58 21.36 11.65
CA VAL B 11 4.40 21.71 12.44
C VAL B 11 4.87 22.42 13.70
N ALA B 12 4.09 23.40 14.13
CA ALA B 12 4.38 24.13 15.36
C ALA B 12 3.92 23.32 16.57
N LEU B 13 4.28 23.82 17.75
CA LEU B 13 3.95 23.12 18.99
C LEU B 13 2.44 23.11 19.23
N LYS B 14 1.98 22.04 19.86
CA LYS B 14 0.59 21.89 20.31
C LYS B 14 -0.41 21.91 19.16
N GLN B 15 0.07 21.85 17.92
CA GLN B 15 -0.78 21.84 16.75
C GLN B 15 -0.72 20.47 16.09
N THR B 16 -1.88 19.94 15.70
CA THR B 16 -1.93 18.62 15.10
C THR B 16 -1.35 18.65 13.69
N VAL B 17 -0.94 17.47 13.22
CA VAL B 17 -0.38 17.32 11.89
C VAL B 17 -0.52 15.85 11.50
N THR B 18 -0.51 15.57 10.20
CA THR B 18 -0.69 14.22 9.69
C THR B 18 0.52 13.80 8.88
N ILE B 19 0.80 12.49 8.91
CA ILE B 19 1.85 11.89 8.10
C ILE B 19 1.18 10.87 7.18
N THR B 20 1.37 11.06 5.88
CA THR B 20 0.61 10.30 4.88
C THR B 20 1.49 9.22 4.27
N CYS B 21 1.01 7.98 4.29
CA CYS B 21 1.66 6.85 3.66
C CYS B 21 0.79 6.38 2.50
N ARG B 22 1.34 6.40 1.29
CA ARG B 22 0.59 6.09 0.08
C ARG B 22 1.20 4.87 -0.59
N GLY B 23 0.35 3.91 -0.96
CA GLY B 23 0.81 2.71 -1.62
C GLY B 23 -0.36 1.92 -2.18
N ASP B 24 -0.04 1.05 -3.15
CA ASP B 24 -1.08 0.24 -3.77
C ASP B 24 -1.52 -0.90 -2.86
N SER B 25 -0.58 -1.54 -2.17
CA SER B 25 -0.91 -2.70 -1.37
C SER B 25 -1.69 -2.35 -0.10
N LEU B 26 -1.77 -1.07 0.27
CA LEU B 26 -2.51 -0.69 1.47
C LEU B 26 -4.02 -0.86 1.32
N ARG B 27 -4.52 -1.09 0.12
CA ARG B 27 -5.94 -1.32 -0.06
C ARG B 27 -6.39 -2.60 0.63
N SER B 28 -5.61 -3.67 0.49
CA SER B 28 -5.95 -4.97 1.07
C SER B 28 -5.04 -5.34 2.24
N HIS B 29 -4.34 -4.38 2.82
CA HIS B 29 -3.49 -4.66 3.97
C HIS B 29 -3.38 -3.40 4.82
N TYR B 30 -3.44 -3.56 6.13
CA TYR B 30 -3.31 -2.43 7.02
C TYR B 30 -1.85 -2.02 7.13
N ALA B 31 -1.59 -0.96 7.88
CA ALA B 31 -0.27 -0.36 7.95
C ALA B 31 0.30 -0.50 9.36
N SER B 32 1.54 -0.08 9.49
CA SER B 32 2.23 0.02 10.77
C SER B 32 2.96 1.36 10.80
N TRP B 33 3.45 1.73 11.98
CA TRP B 33 4.09 3.02 12.12
C TRP B 33 5.20 2.94 13.16
N TYR B 34 6.34 3.56 12.86
CA TYR B 34 7.53 3.44 13.70
C TYR B 34 8.18 4.80 13.86
N GLN B 35 8.24 5.28 15.09
CA GLN B 35 9.03 6.46 15.41
C GLN B 35 10.50 6.10 15.40
N LYS B 36 11.31 6.91 14.75
CA LYS B 36 12.75 6.66 14.61
C LYS B 36 13.53 7.91 14.94
N LYS B 37 14.05 7.97 16.14
CA LYS B 37 15.01 9.04 16.44
C LYS B 37 16.41 8.61 16.05
N PRO B 38 17.26 9.54 15.63
CA PRO B 38 18.63 9.17 15.23
C PRO B 38 19.39 8.53 16.39
N GLY B 39 20.18 7.51 16.06
CA GLY B 39 20.98 6.84 17.07
C GLY B 39 20.21 6.05 18.09
N GLN B 40 18.91 5.84 17.88
CA GLN B 40 18.08 5.10 18.80
C GLN B 40 17.32 4.02 18.07
N ALA B 41 16.93 2.99 18.82
CA ALA B 41 16.16 1.90 18.23
C ALA B 41 14.73 2.37 17.95
N PRO B 42 14.19 2.07 16.78
CA PRO B 42 12.79 2.43 16.50
C PRO B 42 11.85 1.74 17.47
N VAL B 43 10.77 2.44 17.82
CA VAL B 43 9.77 1.94 18.75
C VAL B 43 8.45 1.85 18.01
N LEU B 44 7.77 0.71 18.14
CA LEU B 44 6.48 0.54 17.49
C LEU B 44 5.49 1.57 18.01
N LEU B 45 4.74 2.17 17.09
CA LEU B 45 3.82 3.25 17.42
C LEU B 45 2.36 2.86 17.21
N PHE B 46 2.00 2.43 16.01
CA PHE B 46 0.60 2.22 15.66
C PHE B 46 0.55 1.20 14.53
N TYR B 47 -0.32 0.22 14.65
CA TYR B 47 -0.42 -0.84 13.66
C TYR B 47 -1.84 -1.36 13.61
N GLY B 48 -2.18 -2.01 12.50
CA GLY B 48 -3.50 -2.58 12.37
C GLY B 48 -4.58 -1.52 12.24
N LYS B 49 -5.79 -1.86 12.70
CA LYS B 49 -6.90 -0.93 12.60
C LYS B 49 -6.87 0.08 13.74
N ASN B 50 -6.97 -0.39 14.98
CA ASN B 50 -6.95 0.50 16.13
C ASN B 50 -6.15 -0.11 17.28
N ASN B 51 -5.00 -0.69 16.97
CA ASN B 51 -4.15 -1.33 17.98
C ASN B 51 -2.94 -0.46 18.25
N ARG B 52 -2.70 -0.17 19.53
CA ARG B 52 -1.57 0.63 19.97
C ARG B 52 -1.01 -0.01 21.22
N PRO B 53 0.30 -0.24 21.29
CA PRO B 53 0.88 -0.89 22.47
C PRO B 53 0.76 -0.02 23.71
N SER B 54 0.69 -0.66 24.86
CA SER B 54 0.57 0.05 26.12
C SER B 54 1.83 0.85 26.40
N GLY B 55 1.63 2.06 26.94
CA GLY B 55 2.74 2.93 27.28
C GLY B 55 2.84 4.17 26.41
N ILE B 56 2.63 3.99 25.12
CA ILE B 56 2.72 5.13 24.19
C ILE B 56 1.63 6.12 24.50
N PRO B 57 1.90 7.43 24.47
CA PRO B 57 0.83 8.40 24.69
C PRO B 57 -0.24 8.33 23.61
N ASP B 58 -1.45 8.72 23.99
CA ASP B 58 -2.63 8.58 23.14
C ASP B 58 -2.56 9.48 21.91
N ARG B 59 -1.62 10.43 21.86
CA ARG B 59 -1.63 11.44 20.82
C ARG B 59 -1.43 10.85 19.42
N PHE B 60 -0.94 9.63 19.31
CA PHE B 60 -0.69 9.00 18.01
C PHE B 60 -1.92 8.17 17.61
N SER B 61 -2.67 8.67 16.64
CA SER B 61 -3.84 7.99 16.12
C SER B 61 -3.66 7.77 14.63
N GLY B 62 -3.97 6.58 14.16
CA GLY B 62 -3.85 6.24 12.75
C GLY B 62 -5.18 5.81 12.17
N SER B 63 -5.37 6.11 10.88
CA SER B 63 -6.57 5.73 10.17
C SER B 63 -6.18 5.17 8.81
N ALA B 64 -6.98 4.19 8.35
CA ALA B 64 -6.76 3.56 7.07
C ALA B 64 -8.02 3.71 6.22
N SER B 65 -7.84 4.14 4.97
CA SER B 65 -8.97 4.36 4.08
C SER B 65 -8.46 4.45 2.65
N GLY B 66 -9.08 3.69 1.75
CA GLY B 66 -8.65 3.73 0.36
C GLY B 66 -7.22 3.24 0.22
N ASN B 67 -6.49 3.86 -0.71
CA ASN B 67 -5.09 3.53 -0.95
C ASN B 67 -4.14 4.40 -0.14
N ARG B 68 -4.57 4.91 1.01
CA ARG B 68 -3.75 5.73 1.88
C ARG B 68 -3.78 5.18 3.29
N ALA B 69 -2.67 5.38 4.00
CA ALA B 69 -2.57 5.06 5.43
C ALA B 69 -2.06 6.30 6.13
N SER B 70 -2.86 6.82 7.05
CA SER B 70 -2.59 8.12 7.67
C SER B 70 -2.38 7.94 9.17
N LEU B 71 -1.23 8.40 9.66
CA LEU B 71 -0.97 8.54 11.09
C LEU B 71 -0.97 10.04 11.39
N THR B 72 -1.90 10.48 12.22
CA THR B 72 -2.06 11.89 12.54
C THR B 72 -1.62 12.13 13.98
N ILE B 73 -0.65 13.01 14.15
CA ILE B 73 -0.11 13.35 15.46
C ILE B 73 -0.88 14.55 16.00
N THR B 74 -1.35 14.44 17.24
CA THR B 74 -2.07 15.52 17.90
C THR B 74 -1.19 16.15 18.96
N GLY B 75 -0.83 17.42 18.76
CA GLY B 75 -0.03 18.15 19.73
C GLY B 75 1.40 17.65 19.83
N ALA B 76 2.17 17.85 18.77
CA ALA B 76 3.56 17.41 18.76
C ALA B 76 4.36 18.16 19.82
N GLN B 77 4.97 17.42 20.74
CA GLN B 77 5.72 18.02 21.84
C GLN B 77 7.18 18.19 21.41
N ALA B 78 8.04 18.52 22.38
CA ALA B 78 9.45 18.77 22.08
C ALA B 78 10.16 17.49 21.65
N GLU B 79 9.83 16.36 22.29
CA GLU B 79 10.53 15.11 22.04
C GLU B 79 9.94 14.31 20.87
N ASP B 80 8.93 14.86 20.19
CA ASP B 80 8.27 14.13 19.11
C ASP B 80 9.01 14.24 17.78
N GLU B 81 10.04 15.07 17.69
CA GLU B 81 10.76 15.23 16.43
C GLU B 81 11.59 13.99 16.13
N ALA B 82 11.33 13.38 14.98
CA ALA B 82 12.00 12.15 14.54
C ALA B 82 11.54 11.86 13.12
N ASP B 83 11.93 10.70 12.60
CA ASP B 83 11.46 10.20 11.31
C ASP B 83 10.46 9.08 11.55
N TYR B 84 9.35 9.11 10.81
CA TYR B 84 8.29 8.13 10.97
C TYR B 84 8.15 7.29 9.70
N TYR B 85 8.10 5.97 9.85
CA TYR B 85 8.08 5.03 8.75
C TYR B 85 6.80 4.23 8.76
N CYS B 86 6.29 3.90 7.57
CA CYS B 86 5.13 3.03 7.43
C CYS B 86 5.55 1.73 6.73
N SER B 87 5.10 0.60 7.28
CA SER B 87 5.47 -0.71 6.75
C SER B 87 4.25 -1.59 6.64
N SER B 88 4.20 -2.36 5.56
CA SER B 88 3.10 -3.28 5.28
C SER B 88 3.55 -4.21 4.17
N ARG B 89 2.61 -4.99 3.64
CA ARG B 89 2.91 -5.88 2.54
C ARG B 89 3.32 -5.08 1.30
N ASP B 90 4.32 -5.59 0.58
CA ASP B 90 4.73 -4.95 -0.66
C ASP B 90 3.75 -5.30 -1.79
N LYS B 91 3.56 -6.59 -2.02
CA LYS B 91 2.57 -7.07 -2.97
C LYS B 91 1.32 -7.46 -2.19
N SER B 92 0.16 -7.21 -2.79
CA SER B 92 -1.10 -7.31 -2.05
C SER B 92 -1.41 -8.77 -1.75
N GLY B 93 -0.76 -9.29 -0.72
CA GLY B 93 -1.00 -10.66 -0.29
C GLY B 93 0.22 -11.55 -0.40
N SER B 94 1.40 -10.95 -0.37
CA SER B 94 2.65 -11.69 -0.47
C SER B 94 3.27 -11.83 0.91
N ARG B 95 4.23 -12.75 1.00
CA ARG B 95 4.92 -13.04 2.25
C ARG B 95 6.14 -12.16 2.44
N LEU B 96 5.97 -10.84 2.25
CA LEU B 96 7.05 -9.89 2.39
C LEU B 96 6.55 -8.66 3.14
N SER B 97 7.47 -7.73 3.38
CA SER B 97 7.12 -6.42 3.90
C SER B 97 8.20 -5.45 3.45
N VAL B 98 7.82 -4.17 3.30
CA VAL B 98 8.72 -3.12 2.87
C VAL B 98 8.50 -1.90 3.75
N PHE B 99 9.24 -0.83 3.45
CA PHE B 99 9.19 0.39 4.23
C PHE B 99 9.17 1.60 3.30
N GLY B 100 8.65 2.71 3.81
CA GLY B 100 8.59 3.93 3.04
C GLY B 100 9.94 4.59 2.87
N GLY B 101 9.96 5.60 2.01
CA GLY B 101 11.18 6.28 1.66
C GLY B 101 11.69 7.28 2.67
N GLY B 102 10.92 7.55 3.73
CA GLY B 102 11.37 8.48 4.75
C GLY B 102 10.43 9.64 4.96
N THR B 103 10.23 10.03 6.23
CA THR B 103 9.36 11.16 6.54
C THR B 103 9.95 11.85 7.77
N LYS B 104 10.69 12.93 7.53
CA LYS B 104 11.31 13.70 8.61
C LYS B 104 10.30 14.70 9.14
N LEU B 105 10.07 14.66 10.45
CA LEU B 105 9.17 15.60 11.11
C LEU B 105 9.99 16.54 11.98
N THR B 106 9.63 17.83 11.95
CA THR B 106 10.39 18.87 12.64
C THR B 106 9.44 19.74 13.44
N VAL B 107 9.58 19.70 14.76
CA VAL B 107 8.85 20.63 15.62
C VAL B 107 9.55 21.98 15.58
N LEU B 108 8.79 23.03 15.35
CA LEU B 108 9.36 24.37 15.15
C LEU B 108 9.79 24.94 16.48
N SER B 109 11.10 24.87 16.76
CA SER B 109 11.69 25.48 17.94
C SER B 109 12.49 26.72 17.61
N GLN B 110 12.43 27.19 16.38
CA GLN B 110 13.25 28.30 15.91
C GLN B 110 12.56 28.89 14.68
N PRO B 111 12.18 30.17 14.70
CA PRO B 111 11.61 30.78 13.50
C PRO B 111 12.53 30.62 12.31
N LYS B 112 11.91 30.45 11.14
CA LYS B 112 12.63 30.08 9.92
C LYS B 112 13.74 31.06 9.61
N ALA B 113 14.91 30.53 9.25
CA ALA B 113 16.08 31.33 8.92
C ALA B 113 16.65 30.87 7.58
N ALA B 114 17.07 31.83 6.77
CA ALA B 114 17.63 31.50 5.47
C ALA B 114 19.05 30.94 5.60
N PRO B 115 19.43 30.00 4.74
CA PRO B 115 20.78 29.44 4.81
C PRO B 115 21.83 30.45 4.35
N SER B 116 23.03 30.29 4.88
CA SER B 116 24.19 31.09 4.48
C SER B 116 24.92 30.32 3.38
N VAL B 117 24.70 30.71 2.13
CA VAL B 117 25.22 29.99 0.98
C VAL B 117 26.58 30.56 0.60
N THR B 118 27.56 29.69 0.45
CA THR B 118 28.91 30.09 0.06
C THR B 118 29.46 29.07 -0.92
N LEU B 119 30.12 29.55 -1.97
CA LEU B 119 30.75 28.69 -2.96
C LEU B 119 32.18 29.14 -3.18
N PHE B 120 33.10 28.20 -3.25
CA PHE B 120 34.51 28.49 -3.47
C PHE B 120 34.96 27.98 -4.82
N PRO B 121 35.66 28.80 -5.62
CA PRO B 121 36.25 28.29 -6.84
C PRO B 121 37.30 27.25 -6.52
N PRO B 122 37.54 26.31 -7.44
CA PRO B 122 38.53 25.26 -7.15
C PRO B 122 39.92 25.86 -7.00
N SER B 123 40.58 25.52 -5.90
CA SER B 123 41.92 26.05 -5.64
C SER B 123 42.90 25.50 -6.67
N SER B 124 43.88 26.34 -7.02
CA SER B 124 44.89 25.91 -7.99
C SER B 124 45.68 24.71 -7.48
N GLU B 125 45.78 24.57 -6.15
CA GLU B 125 46.59 23.51 -5.55
C GLU B 125 46.07 22.14 -5.96
N GLU B 126 44.75 21.94 -5.95
CA GLU B 126 44.22 20.71 -6.51
C GLU B 126 44.23 20.72 -8.04
N LEU B 127 44.27 21.90 -8.66
CA LEU B 127 44.23 21.96 -10.12
C LEU B 127 45.49 21.39 -10.75
N GLN B 128 46.68 21.68 -10.19
CA GLN B 128 47.86 21.10 -10.85
C GLN B 128 47.90 19.58 -10.73
N ALA B 129 47.21 19.02 -9.74
CA ALA B 129 47.15 17.58 -9.53
C ALA B 129 46.04 16.91 -10.34
N ASN B 130 45.58 17.57 -11.40
CA ASN B 130 44.52 17.03 -12.27
C ASN B 130 43.26 16.71 -11.48
N LYS B 131 42.92 17.58 -10.52
CA LYS B 131 41.71 17.45 -9.74
C LYS B 131 41.02 18.80 -9.65
N ALA B 132 39.68 18.76 -9.63
CA ALA B 132 38.89 19.99 -9.52
C ALA B 132 37.62 19.66 -8.75
N THR B 133 37.63 19.89 -7.45
CA THR B 133 36.48 19.65 -6.58
C THR B 133 35.87 20.98 -6.19
N LEU B 134 34.59 21.16 -6.51
CA LEU B 134 33.86 22.37 -6.16
C LEU B 134 33.17 22.17 -4.82
N VAL B 135 33.33 23.14 -3.92
CA VAL B 135 32.90 23.01 -2.54
C VAL B 135 31.80 24.04 -2.29
N CYS B 136 30.56 23.57 -2.15
CA CYS B 136 29.42 24.43 -1.89
C CYS B 136 29.06 24.37 -0.41
N LEU B 137 28.86 25.53 0.19
CA LEU B 137 28.79 25.66 1.64
C LEU B 137 27.37 26.02 2.05
N ILE B 138 26.77 25.17 2.89
CA ILE B 138 25.39 25.36 3.34
C ILE B 138 25.38 25.33 4.86
N SER B 139 25.07 26.46 5.49
CA SER B 139 25.11 26.54 6.94
C SER B 139 24.06 27.52 7.42
N ASP B 140 23.73 27.40 8.71
CA ASP B 140 22.81 28.31 9.39
C ASP B 140 21.44 28.34 8.70
N PHE B 141 20.77 27.19 8.71
CA PHE B 141 19.44 27.09 8.15
C PHE B 141 18.55 26.26 9.07
N TYR B 142 17.25 26.46 8.93
CA TYR B 142 16.24 25.78 9.72
C TYR B 142 14.92 25.82 8.96
N PRO B 143 14.21 24.70 8.85
CA PRO B 143 14.53 23.35 9.34
C PRO B 143 15.42 22.58 8.38
N GLY B 144 15.60 21.28 8.60
CA GLY B 144 16.51 20.48 7.81
C GLY B 144 15.89 19.83 6.59
N ALA B 145 15.52 20.64 5.60
CA ALA B 145 15.06 20.14 4.31
C ALA B 145 15.69 21.03 3.24
N VAL B 146 16.87 20.64 2.78
CA VAL B 146 17.60 21.39 1.76
C VAL B 146 17.98 20.42 0.64
N THR B 147 17.73 20.84 -0.59
CA THR B 147 18.08 20.07 -1.78
C THR B 147 19.09 20.86 -2.59
N VAL B 148 20.23 20.24 -2.88
CA VAL B 148 21.30 20.90 -3.61
C VAL B 148 21.17 20.55 -5.08
N ALA B 149 21.01 21.58 -5.91
CA ALA B 149 20.94 21.42 -7.36
C ALA B 149 22.11 22.14 -7.99
N TRP B 150 22.83 21.46 -8.88
CA TRP B 150 24.00 22.01 -9.54
C TRP B 150 23.71 22.26 -11.01
N LYS B 151 23.98 23.46 -11.47
CA LYS B 151 23.69 23.89 -12.83
C LYS B 151 25.00 24.16 -13.56
N ALA B 152 25.16 23.55 -14.73
CA ALA B 152 26.26 23.88 -15.63
C ALA B 152 25.78 24.95 -16.59
N ASP B 153 26.12 26.20 -16.30
CA ASP B 153 25.57 27.35 -17.04
C ASP B 153 24.06 27.26 -16.86
N SER B 154 23.26 27.27 -17.94
CA SER B 154 21.85 26.99 -17.80
C SER B 154 21.58 25.49 -17.63
N SER B 155 22.43 24.65 -18.21
CA SER B 155 22.25 23.21 -18.17
C SER B 155 22.58 22.67 -16.78
N PRO B 156 22.13 21.46 -16.44
CA PRO B 156 22.51 20.86 -15.16
C PRO B 156 23.69 19.89 -15.29
N VAL B 157 24.21 19.43 -14.14
CA VAL B 157 25.17 18.33 -14.07
C VAL B 157 24.82 17.46 -12.87
N LYS B 158 25.22 16.19 -12.92
CA LYS B 158 25.15 15.30 -11.79
C LYS B 158 26.41 14.46 -11.72
N ALA B 159 27.37 14.74 -12.61
CA ALA B 159 28.58 13.93 -12.75
C ALA B 159 29.60 14.37 -11.69
N GLY B 160 29.49 13.76 -10.52
CA GLY B 160 30.41 14.01 -9.42
C GLY B 160 29.81 14.72 -8.23
N VAL B 161 28.52 15.08 -8.28
CA VAL B 161 27.91 15.79 -7.17
C VAL B 161 27.70 14.84 -5.99
N GLU B 162 28.14 15.27 -4.82
CA GLU B 162 27.92 14.50 -3.59
C GLU B 162 27.47 15.46 -2.49
N THR B 163 26.51 15.01 -1.69
CA THR B 163 25.91 15.84 -0.67
C THR B 163 25.78 15.07 0.62
N THR B 164 26.06 15.73 1.74
CA THR B 164 25.95 15.13 3.06
C THR B 164 24.65 15.52 3.73
N THR B 165 24.15 14.62 4.57
CA THR B 165 22.95 14.91 5.35
C THR B 165 23.24 16.02 6.35
N PRO B 166 22.39 17.03 6.45
CA PRO B 166 22.65 18.12 7.40
C PRO B 166 22.67 17.63 8.84
N SER B 167 23.48 18.30 9.65
CA SER B 167 23.63 17.92 11.05
C SER B 167 23.44 19.12 11.98
N LYS B 168 23.75 18.94 13.26
CA LYS B 168 23.48 19.95 14.27
C LYS B 168 24.47 21.10 14.19
N GLN B 169 24.02 22.26 14.65
CA GLN B 169 24.85 23.45 14.82
C GLN B 169 24.83 23.85 16.30
N SER B 170 25.86 24.57 16.71
CA SER B 170 25.98 24.97 18.11
C SER B 170 24.74 25.73 18.58
N ASN B 171 24.19 26.61 17.74
CA ASN B 171 23.00 27.37 18.10
C ASN B 171 21.71 26.69 17.65
N ASN B 172 21.70 25.36 17.57
CA ASN B 172 20.56 24.51 17.25
C ASN B 172 20.12 24.62 15.79
N LYS B 173 20.84 25.38 14.97
CA LYS B 173 20.54 25.42 13.54
C LYS B 173 21.13 24.19 12.87
N TYR B 174 21.07 24.14 11.54
CA TYR B 174 21.64 23.05 10.76
C TYR B 174 22.66 23.56 9.77
N ALA B 175 23.62 22.70 9.43
CA ALA B 175 24.63 23.00 8.43
C ALA B 175 24.90 21.74 7.62
N ALA B 176 25.35 21.94 6.38
CA ALA B 176 25.62 20.83 5.48
C ALA B 176 26.67 21.27 4.46
N SER B 177 26.96 20.41 3.50
CA SER B 177 27.94 20.74 2.47
C SER B 177 27.74 19.80 1.30
N SER B 178 28.19 20.24 0.13
CA SER B 178 28.14 19.44 -1.08
C SER B 178 29.45 19.56 -1.84
N TYR B 179 29.81 18.50 -2.54
CA TYR B 179 31.04 18.45 -3.32
C TYR B 179 30.73 17.98 -4.73
N LEU B 180 31.45 18.55 -5.70
CA LEU B 180 31.33 18.15 -7.09
C LEU B 180 32.72 17.76 -7.59
N SER B 181 32.95 16.46 -7.76
CA SER B 181 34.21 15.97 -8.31
C SER B 181 34.19 16.15 -9.81
N LEU B 182 35.11 16.96 -10.32
CA LEU B 182 35.15 17.29 -11.74
C LEU B 182 36.58 17.29 -12.23
N THR B 183 36.77 16.91 -13.49
CA THR B 183 38.08 16.99 -14.11
C THR B 183 38.41 18.43 -14.48
N PRO B 184 39.69 18.81 -14.44
CA PRO B 184 40.05 20.19 -14.81
C PRO B 184 39.66 20.55 -16.22
N GLU B 185 39.64 19.59 -17.15
CA GLU B 185 39.26 19.90 -18.52
C GLU B 185 37.82 20.39 -18.60
N GLN B 186 36.90 19.67 -17.96
CA GLN B 186 35.50 20.08 -17.97
C GLN B 186 35.25 21.31 -17.11
N TRP B 187 36.18 21.63 -16.21
CA TRP B 187 36.03 22.82 -15.37
C TRP B 187 36.01 24.08 -16.21
N LYS B 188 36.88 24.16 -17.21
CA LYS B 188 36.98 25.34 -18.07
C LYS B 188 36.08 25.24 -19.30
N SER B 189 35.30 24.16 -19.43
CA SER B 189 34.43 23.97 -20.57
C SER B 189 33.05 24.58 -20.41
N HIS B 190 32.73 25.11 -19.23
CA HIS B 190 31.43 25.71 -18.97
C HIS B 190 31.60 27.14 -18.48
N ARG B 191 30.63 27.99 -18.84
CA ARG B 191 30.70 29.40 -18.47
C ARG B 191 30.64 29.59 -16.96
N SER B 192 29.75 28.86 -16.28
CA SER B 192 29.56 29.06 -14.87
C SER B 192 29.06 27.78 -14.21
N TYR B 193 29.29 27.68 -12.91
CA TYR B 193 28.83 26.56 -12.10
C TYR B 193 28.14 27.09 -10.85
N SER B 194 26.92 26.61 -10.61
CA SER B 194 26.10 27.09 -9.50
C SER B 194 25.58 25.90 -8.71
N CYS B 195 25.41 26.09 -7.41
CA CYS B 195 24.83 25.07 -6.53
C CYS B 195 23.57 25.68 -5.91
N GLN B 196 22.45 25.52 -6.59
CA GLN B 196 21.17 25.99 -6.06
C GLN B 196 20.75 25.15 -4.86
N VAL B 197 20.17 25.81 -3.86
CA VAL B 197 19.65 25.14 -2.68
C VAL B 197 18.26 25.69 -2.40
N THR B 198 17.33 24.80 -2.10
CA THR B 198 15.94 25.15 -1.82
C THR B 198 15.56 24.67 -0.43
N HIS B 199 14.93 25.55 0.35
CA HIS B 199 14.49 25.22 1.70
C HIS B 199 13.06 25.69 1.86
N GLU B 200 12.14 24.74 2.07
CA GLU B 200 10.73 25.05 2.33
C GLU B 200 10.13 25.94 1.24
N GLY B 201 10.54 25.68 0.00
CA GLY B 201 10.05 26.45 -1.14
C GLY B 201 10.84 27.71 -1.44
N SER B 202 11.77 28.10 -0.58
CA SER B 202 12.61 29.26 -0.81
C SER B 202 13.99 28.80 -1.26
N THR B 203 14.52 29.45 -2.30
CA THR B 203 15.78 29.04 -2.91
C THR B 203 16.77 30.18 -2.93
N VAL B 204 18.05 29.84 -2.76
CA VAL B 204 19.16 30.78 -2.86
C VAL B 204 20.22 30.13 -3.73
N GLU B 205 20.78 30.90 -4.67
CA GLU B 205 21.72 30.38 -5.64
C GLU B 205 22.99 31.24 -5.65
N LYS B 206 24.13 30.57 -5.73
CA LYS B 206 25.43 31.25 -5.76
C LYS B 206 26.23 30.69 -6.94
N THR B 207 26.77 31.59 -7.75
CA THR B 207 27.45 31.23 -8.99
C THR B 207 28.93 31.57 -8.90
N VAL B 208 29.77 30.64 -9.35
CA VAL B 208 31.20 30.86 -9.50
C VAL B 208 31.58 30.59 -10.95
N ALA B 209 32.49 31.41 -11.47
CA ALA B 209 32.90 31.33 -12.86
C ALA B 209 34.41 31.36 -12.97
N PRO B 210 34.97 30.78 -14.04
CA PRO B 210 36.43 30.79 -14.27
C PRO B 210 36.99 32.21 -14.39
N GLY C 2 3.04 -27.73 15.25
CA GLY C 2 2.90 -27.41 16.67
C GLY C 2 1.57 -26.80 17.01
N LEU C 3 1.59 -25.51 17.37
CA LEU C 3 0.35 -24.81 17.69
C LEU C 3 -0.58 -24.78 16.48
N TRP C 4 -0.12 -24.14 15.40
CA TRP C 4 -0.89 -24.02 14.17
C TRP C 4 0.09 -23.76 13.03
N ASN C 5 -0.44 -23.33 11.89
CA ASN C 5 0.37 -22.88 10.76
C ASN C 5 -0.22 -21.57 10.27
N TRP C 6 0.51 -20.47 10.47
CA TRP C 6 -0.08 -19.15 10.27
C TRP C 6 -0.55 -18.95 8.84
N PHE C 7 0.28 -19.32 7.87
CA PHE C 7 -0.09 -19.12 6.47
C PHE C 7 -1.29 -19.96 6.06
N ASP C 8 -1.63 -20.99 6.83
CA ASP C 8 -2.83 -21.77 6.58
C ASP C 8 -4.00 -21.35 7.46
N ILE C 9 -3.77 -21.02 8.73
CA ILE C 9 -4.87 -20.60 9.58
C ILE C 9 -5.46 -19.28 9.08
N THR C 10 -4.62 -18.39 8.56
CA THR C 10 -5.14 -17.14 8.04
C THR C 10 -5.93 -17.36 6.74
N ASN C 11 -5.45 -18.28 5.89
CA ASN C 11 -6.22 -18.61 4.69
C ASN C 11 -7.58 -19.20 5.04
N TRP C 12 -7.62 -20.09 6.04
CA TRP C 12 -8.89 -20.66 6.47
C TRP C 12 -9.81 -19.59 7.05
N LEU C 13 -9.26 -18.66 7.84
CA LEU C 13 -10.09 -17.59 8.38
C LEU C 13 -10.67 -16.72 7.27
N TRP C 14 -9.86 -16.41 6.26
CA TRP C 14 -10.37 -15.63 5.14
C TRP C 14 -11.46 -16.38 4.40
N TYR C 15 -11.27 -17.69 4.19
CA TYR C 15 -12.28 -18.49 3.50
C TYR C 15 -13.58 -18.54 4.28
N ILE C 16 -13.51 -18.77 5.59
CA ILE C 16 -14.72 -18.83 6.40
C ILE C 16 -15.37 -17.47 6.49
N LYS C 17 -14.59 -16.40 6.45
CA LYS C 17 -15.16 -15.05 6.39
C LYS C 17 -15.95 -14.85 5.11
N ASN C 18 -15.40 -15.30 3.98
CA ASN C 18 -16.15 -15.22 2.73
C ASN C 18 -17.43 -16.01 2.81
N LEU C 19 -17.36 -17.24 3.33
CA LEU C 19 -18.55 -18.08 3.42
C LEU C 19 -19.63 -17.41 4.26
N LEU C 20 -19.27 -16.93 5.46
CA LEU C 20 -20.26 -16.31 6.34
C LEU C 20 -20.83 -15.06 5.70
N ASN C 21 -19.98 -14.21 5.11
CA ASN C 21 -20.47 -12.97 4.51
C ASN C 21 -21.43 -13.25 3.37
N ILE C 22 -21.09 -14.18 2.49
CA ILE C 22 -21.96 -14.43 1.34
C ILE C 22 -23.28 -15.03 1.80
N VAL C 23 -23.24 -15.95 2.77
CA VAL C 23 -24.48 -16.54 3.26
C VAL C 23 -25.38 -15.47 3.85
N HIS C 24 -24.82 -14.63 4.73
CA HIS C 24 -25.62 -13.60 5.38
C HIS C 24 -26.16 -12.60 4.36
N GLY C 25 -25.34 -12.22 3.39
CA GLY C 25 -25.79 -11.29 2.38
C GLY C 25 -26.94 -11.84 1.55
N ALA C 26 -26.83 -13.11 1.13
CA ALA C 26 -27.92 -13.70 0.37
C ALA C 26 -29.20 -13.77 1.20
N ILE C 27 -29.09 -14.17 2.47
CA ILE C 27 -30.28 -14.27 3.30
C ILE C 27 -30.93 -12.91 3.46
N TRP C 28 -30.14 -11.87 3.67
CA TRP C 28 -30.71 -10.54 3.85
C TRP C 28 -31.17 -9.92 2.54
N GLY C 29 -30.70 -10.40 1.40
CA GLY C 29 -31.13 -9.86 0.14
C GLY C 29 -32.39 -10.51 -0.40
N VAL C 30 -32.61 -11.78 -0.08
CA VAL C 30 -33.81 -12.47 -0.57
C VAL C 30 -35.06 -11.82 0.03
N LEU C 31 -35.00 -11.42 1.30
CA LEU C 31 -36.14 -10.77 1.92
C LEU C 31 -36.45 -9.44 1.24
N VAL C 32 -35.41 -8.69 0.86
CA VAL C 32 -35.62 -7.46 0.11
C VAL C 32 -36.25 -7.76 -1.24
N ARG C 33 -35.78 -8.81 -1.91
CA ARG C 33 -36.38 -9.19 -3.19
C ARG C 33 -37.86 -9.46 -3.03
N LYS C 34 -38.24 -10.21 -1.99
CA LYS C 34 -39.64 -10.55 -1.84
C LYS C 34 -40.47 -9.36 -1.38
N GLY C 35 -39.86 -8.43 -0.63
CA GLY C 35 -40.55 -7.19 -0.35
C GLY C 35 -40.87 -6.41 -1.61
N LEU C 36 -39.89 -6.29 -2.52
CA LEU C 36 -40.15 -5.64 -3.80
C LEU C 36 -41.21 -6.39 -4.59
N MET C 37 -41.12 -7.72 -4.63
CA MET C 37 -42.05 -8.51 -5.43
C MET C 37 -43.48 -8.39 -4.91
N SER C 38 -43.67 -8.50 -3.59
CA SER C 38 -45.00 -8.32 -3.02
C SER C 38 -45.45 -6.87 -3.12
N LEU C 39 -44.52 -5.93 -3.27
CA LEU C 39 -44.84 -4.53 -3.52
C LEU C 39 -44.94 -4.22 -5.01
N THR C 40 -45.31 -5.21 -5.82
CA THR C 40 -45.42 -4.98 -7.26
C THR C 40 -46.49 -3.95 -7.58
N THR C 41 -47.65 -4.04 -6.92
CA THR C 41 -48.77 -3.09 -7.04
C THR C 41 -48.94 -2.60 -8.47
N TYR C 42 -49.28 -3.52 -9.38
CA TYR C 42 -49.09 -3.39 -10.82
C TYR C 42 -49.29 -1.98 -11.35
N SER C 43 -50.46 -1.39 -11.09
CA SER C 43 -50.78 -0.04 -11.54
C SER C 43 -50.39 0.16 -13.01
N GLY C 44 -49.31 0.88 -13.24
CA GLY C 44 -48.73 0.97 -14.57
C GLY C 44 -47.70 -0.13 -14.73
N SER C 45 -46.43 0.25 -14.93
CA SER C 45 -45.31 -0.68 -14.95
C SER C 45 -45.63 -1.94 -15.76
N PHE C 46 -45.85 -1.77 -17.07
CA PHE C 46 -46.37 -2.81 -17.95
C PHE C 46 -45.80 -4.19 -17.67
N LEU C 47 -44.53 -4.25 -17.28
CA LEU C 47 -43.90 -5.52 -16.92
C LEU C 47 -44.12 -5.85 -15.44
N SER C 48 -43.59 -5.00 -14.55
CA SER C 48 -43.76 -5.11 -13.11
C SER C 48 -43.29 -6.44 -12.53
N GLY C 49 -43.51 -6.63 -11.24
CA GLY C 49 -43.09 -7.85 -10.57
C GLY C 49 -41.67 -7.77 -10.03
N VAL C 50 -40.72 -8.40 -10.73
CA VAL C 50 -39.33 -8.42 -10.31
C VAL C 50 -38.53 -7.34 -11.03
N ILE C 51 -39.21 -6.47 -11.78
CA ILE C 51 -38.52 -5.52 -12.64
C ILE C 51 -37.69 -4.56 -11.80
N TRP C 52 -38.28 -4.03 -10.73
CA TRP C 52 -37.60 -3.06 -9.89
C TRP C 52 -36.40 -3.66 -9.17
N ALA C 53 -36.48 -4.94 -8.79
CA ALA C 53 -35.45 -5.53 -7.94
C ALA C 53 -34.08 -5.38 -8.56
N ASN C 54 -33.93 -5.81 -9.81
CA ASN C 54 -32.64 -5.64 -10.50
C ASN C 54 -32.25 -4.17 -10.53
N PHE C 55 -33.21 -3.31 -10.86
CA PHE C 55 -32.94 -1.87 -10.87
C PHE C 55 -32.42 -1.40 -9.52
N ALA C 56 -32.94 -1.98 -8.43
CA ALA C 56 -32.39 -1.66 -7.12
C ALA C 56 -30.98 -2.20 -6.98
N ALA C 57 -30.79 -3.48 -7.34
CA ALA C 57 -29.51 -4.14 -7.08
C ALA C 57 -28.36 -3.40 -7.75
N CYS C 58 -28.59 -2.88 -8.95
CA CYS C 58 -27.54 -2.14 -9.64
C CYS C 58 -27.21 -0.85 -8.90
N VAL C 59 -28.24 -0.10 -8.48
CA VAL C 59 -27.99 1.23 -7.93
C VAL C 59 -27.12 1.15 -6.69
N VAL C 60 -27.47 0.26 -5.76
CA VAL C 60 -26.64 0.06 -4.57
C VAL C 60 -25.26 -0.45 -4.98
N MET C 61 -25.21 -1.32 -6.00
CA MET C 61 -23.91 -1.79 -6.48
C MET C 61 -23.08 -0.64 -7.02
N GLY C 62 -23.73 0.43 -7.48
CA GLY C 62 -23.00 1.60 -7.92
C GLY C 62 -22.13 2.22 -6.84
N LEU C 63 -22.54 2.08 -5.58
CA LEU C 63 -21.73 2.60 -4.48
C LEU C 63 -20.58 1.67 -4.10
N ALA C 64 -20.50 0.48 -4.69
CA ALA C 64 -19.39 -0.43 -4.43
C ALA C 64 -18.32 -0.39 -5.50
N ILE C 65 -18.73 -0.30 -6.78
CA ILE C 65 -17.78 -0.36 -7.89
C ILE C 65 -16.78 0.78 -7.85
N ASP C 66 -17.09 1.85 -7.11
CA ASP C 66 -16.12 2.93 -6.95
C ASP C 66 -14.88 2.45 -6.21
N GLY C 67 -15.06 1.65 -5.17
CA GLY C 67 -13.96 1.10 -4.41
C GLY C 67 -13.64 -0.35 -4.71
N GLU C 68 -14.28 -0.94 -5.72
CA GLU C 68 -14.05 -2.34 -6.04
C GLU C 68 -12.62 -2.55 -6.56
N VAL C 69 -12.22 -1.75 -7.56
CA VAL C 69 -10.86 -1.68 -8.08
C VAL C 69 -10.37 -3.00 -8.65
N PHE C 70 -10.17 -4.01 -7.80
CA PHE C 70 -9.50 -5.23 -8.24
C PHE C 70 -10.29 -5.95 -9.33
N TRP C 71 -11.61 -5.96 -9.22
CA TRP C 71 -12.44 -6.47 -10.30
C TRP C 71 -12.28 -5.61 -11.55
N ILE C 72 -12.33 -4.28 -11.36
CA ILE C 72 -12.16 -3.36 -12.48
C ILE C 72 -10.79 -3.54 -13.10
N ARG C 73 -9.75 -3.66 -12.26
CA ARG C 73 -8.39 -3.85 -12.76
C ARG C 73 -8.27 -5.17 -13.50
N LEU C 74 -8.91 -6.23 -13.00
CA LEU C 74 -8.87 -7.52 -13.67
C LEU C 74 -9.51 -7.43 -15.05
N LEU C 75 -10.62 -6.71 -15.16
CA LEU C 75 -11.19 -6.47 -16.49
C LEU C 75 -10.53 -5.26 -17.14
N GLU C 76 -9.20 -5.21 -17.05
CA GLU C 76 -8.42 -4.22 -17.79
C GLU C 76 -7.06 -4.74 -18.25
N GLU C 77 -6.74 -6.02 -18.03
CA GLU C 77 -5.49 -6.66 -18.44
C GLU C 77 -4.26 -5.78 -18.23
N LYS C 78 -3.96 -5.42 -16.98
CA LYS C 78 -2.87 -4.52 -16.69
C LYS C 78 -2.37 -4.76 -15.27
N ASP C 79 -1.37 -3.99 -14.86
CA ASP C 79 -0.93 -3.90 -13.46
C ASP C 79 -0.51 -5.24 -12.88
N TYR C 80 0.61 -5.78 -13.35
CA TYR C 80 1.07 -7.09 -12.89
C TYR C 80 1.05 -7.26 -11.37
N PRO C 81 1.54 -6.30 -10.56
CA PRO C 81 1.57 -6.55 -9.10
C PRO C 81 0.23 -6.35 -8.42
N ASN C 82 -0.85 -6.89 -8.98
CA ASN C 82 -2.18 -6.74 -8.36
C ASN C 82 -2.51 -7.93 -7.48
N LYS C 83 -2.68 -9.11 -8.10
CA LYS C 83 -3.01 -10.38 -7.45
C LYS C 83 -3.95 -10.21 -6.27
N GLY C 84 -4.96 -9.34 -6.41
CA GLY C 84 -5.85 -9.04 -5.32
C GLY C 84 -7.05 -9.96 -5.29
N ALA C 85 -7.87 -9.77 -4.25
CA ALA C 85 -9.13 -10.50 -4.16
C ALA C 85 -10.06 -10.04 -5.27
N ILE C 86 -10.61 -10.99 -6.02
CA ILE C 86 -11.47 -10.64 -7.15
C ILE C 86 -12.76 -10.01 -6.63
N PRO C 87 -13.57 -10.70 -5.81
CA PRO C 87 -14.79 -10.03 -5.33
C PRO C 87 -14.58 -9.34 -3.98
N VAL C 88 -13.85 -8.23 -4.00
CA VAL C 88 -13.71 -7.43 -2.78
C VAL C 88 -15.09 -6.88 -2.42
N TYR C 89 -15.32 -6.70 -1.13
CA TYR C 89 -16.65 -6.42 -0.58
C TYR C 89 -17.57 -7.62 -0.85
N THR C 90 -17.14 -8.78 -0.38
CA THR C 90 -17.84 -10.03 -0.68
C THR C 90 -19.26 -9.99 -0.14
N GLY C 91 -19.44 -9.46 1.05
CA GLY C 91 -20.76 -9.39 1.66
C GLY C 91 -21.72 -8.40 1.01
N LEU C 92 -21.26 -7.64 0.03
CA LEU C 92 -22.14 -6.68 -0.63
C LEU C 92 -22.17 -6.83 -2.14
N THR C 93 -21.04 -7.16 -2.77
CA THR C 93 -21.01 -7.24 -4.22
C THR C 93 -21.67 -8.53 -4.72
N THR C 94 -21.14 -9.68 -4.31
CA THR C 94 -21.75 -10.95 -4.65
C THR C 94 -22.85 -11.36 -3.67
N GLY C 95 -23.10 -10.54 -2.66
CA GLY C 95 -24.06 -10.86 -1.63
C GLY C 95 -25.40 -10.19 -1.83
N PHE C 96 -25.61 -9.06 -1.15
CA PHE C 96 -26.88 -8.34 -1.27
C PHE C 96 -27.12 -7.87 -2.70
N CYS C 97 -26.11 -7.32 -3.35
CA CYS C 97 -26.29 -6.83 -4.72
C CYS C 97 -26.53 -7.97 -5.70
N GLY C 98 -25.84 -9.09 -5.52
CA GLY C 98 -25.99 -10.20 -6.43
C GLY C 98 -27.28 -10.98 -6.25
N THR C 99 -27.49 -11.50 -5.04
CA THR C 99 -28.64 -12.37 -4.78
C THR C 99 -29.95 -11.69 -5.16
N VAL C 100 -30.03 -10.37 -4.99
CA VAL C 100 -31.26 -9.66 -5.32
C VAL C 100 -31.56 -9.75 -6.81
N SER C 101 -30.53 -9.78 -7.65
CA SER C 101 -30.75 -9.87 -9.08
C SER C 101 -31.44 -11.18 -9.44
N SER C 102 -32.20 -11.16 -10.54
CA SER C 102 -33.04 -12.28 -10.96
C SER C 102 -32.91 -12.49 -12.47
N PHE C 103 -31.67 -12.61 -12.95
CA PHE C 103 -31.41 -12.80 -14.38
C PHE C 103 -32.25 -13.93 -14.97
N SER C 104 -32.26 -15.08 -14.29
CA SER C 104 -33.10 -16.18 -14.74
C SER C 104 -34.57 -15.80 -14.73
N SER C 105 -35.02 -15.09 -13.70
CA SER C 105 -36.40 -14.63 -13.68
C SER C 105 -36.67 -13.64 -14.79
N VAL C 106 -35.67 -12.81 -15.15
CA VAL C 106 -35.85 -11.89 -16.26
C VAL C 106 -36.08 -12.64 -17.55
N ILE C 107 -35.26 -13.66 -17.82
CA ILE C 107 -35.41 -14.42 -19.05
C ILE C 107 -36.73 -15.20 -19.04
N LEU C 108 -37.10 -15.76 -17.89
CA LEU C 108 -38.36 -16.48 -17.79
C LEU C 108 -39.54 -15.54 -18.04
N GLU C 109 -39.49 -14.32 -17.50
CA GLU C 109 -40.54 -13.35 -17.75
C GLU C 109 -40.63 -13.00 -19.23
N ALA C 110 -39.48 -12.80 -19.87
CA ALA C 110 -39.48 -12.50 -21.29
C ALA C 110 -40.10 -13.63 -22.10
N PHE C 111 -39.73 -14.88 -21.78
CA PHE C 111 -40.26 -16.02 -22.49
C PHE C 111 -41.75 -16.21 -22.24
N ASN C 112 -42.19 -15.98 -21.00
CA ASN C 112 -43.60 -16.14 -20.67
C ASN C 112 -44.44 -15.09 -21.36
N LYS C 113 -43.99 -13.83 -21.38
CA LYS C 113 -44.70 -12.80 -22.12
C LYS C 113 -44.63 -13.04 -23.63
N ALA C 114 -43.62 -13.76 -24.10
CA ALA C 114 -43.59 -14.16 -25.50
C ALA C 114 -44.79 -15.05 -25.83
N ALA C 115 -45.10 -16.00 -24.95
CA ALA C 115 -46.30 -16.84 -25.06
C ALA C 115 -46.34 -17.58 -26.39
N ASP C 116 -45.25 -18.28 -26.71
CA ASP C 116 -45.15 -19.11 -27.92
C ASP C 116 -45.40 -18.27 -29.17
N THR C 117 -44.46 -17.35 -29.41
CA THR C 117 -44.52 -16.42 -30.53
C THR C 117 -45.01 -17.07 -31.81
N ASP C 118 -44.38 -18.17 -32.22
CA ASP C 118 -44.83 -18.95 -33.38
C ASP C 118 -46.01 -19.80 -32.95
N ILE C 119 -47.21 -19.25 -33.11
CA ILE C 119 -48.42 -19.94 -32.63
C ILE C 119 -48.62 -21.25 -33.40
N GLY C 120 -48.62 -21.17 -34.72
CA GLY C 120 -48.74 -22.39 -35.52
C GLY C 120 -47.68 -22.51 -36.59
N VAL C 121 -47.08 -21.39 -37.00
CA VAL C 121 -46.07 -21.36 -38.05
C VAL C 121 -45.14 -20.19 -37.76
N ARG C 122 -43.83 -20.46 -37.77
CA ARG C 122 -42.84 -19.41 -37.51
C ARG C 122 -42.55 -18.55 -38.73
N HIS C 123 -42.98 -18.96 -39.93
CA HIS C 123 -42.69 -18.20 -41.13
C HIS C 123 -43.58 -16.96 -41.25
N HIS C 124 -44.78 -16.99 -40.68
CA HIS C 124 -45.71 -15.87 -40.82
C HIS C 124 -45.12 -14.60 -40.23
N TYR C 125 -45.23 -13.50 -40.97
CA TYR C 125 -44.73 -12.22 -40.50
C TYR C 125 -45.45 -11.69 -39.27
N PRO C 126 -46.80 -11.64 -39.20
CA PRO C 126 -47.46 -10.93 -38.09
C PRO C 126 -47.11 -11.47 -36.70
N ASN C 127 -47.38 -12.75 -36.45
CA ASN C 127 -47.13 -13.31 -35.12
C ASN C 127 -45.64 -13.25 -34.75
N GLY C 128 -44.78 -13.61 -35.70
CA GLY C 128 -43.35 -13.61 -35.42
C GLY C 128 -42.82 -12.21 -35.14
N ALA C 129 -43.24 -11.23 -35.94
CA ALA C 129 -42.78 -9.86 -35.73
C ALA C 129 -43.25 -9.32 -34.39
N TYR C 130 -44.51 -9.57 -34.04
CA TYR C 130 -45.02 -9.10 -32.74
C TYR C 130 -44.27 -9.77 -31.59
N GLY C 131 -44.05 -11.08 -31.69
CA GLY C 131 -43.35 -11.78 -30.62
C GLY C 131 -41.92 -11.30 -30.45
N ILE C 132 -41.19 -11.17 -31.56
CA ILE C 132 -39.82 -10.69 -31.46
C ILE C 132 -39.79 -9.25 -30.97
N MET C 133 -40.78 -8.44 -31.36
CA MET C 133 -40.84 -7.06 -30.89
C MET C 133 -41.02 -7.00 -29.39
N GLN C 134 -41.95 -7.78 -28.84
CA GLN C 134 -42.17 -7.74 -27.40
C GLN C 134 -40.99 -8.33 -26.64
N PHE C 135 -40.36 -9.38 -27.17
CA PHE C 135 -39.20 -9.96 -26.51
C PHE C 135 -38.04 -8.97 -26.48
N LEU C 136 -37.77 -8.33 -27.61
CA LEU C 136 -36.71 -7.32 -27.64
C LEU C 136 -37.05 -6.15 -26.74
N ALA C 137 -38.32 -5.75 -26.70
CA ALA C 137 -38.71 -4.64 -25.85
C ALA C 137 -38.49 -4.95 -24.38
N VAL C 138 -38.91 -6.14 -23.94
CA VAL C 138 -38.74 -6.48 -22.53
C VAL C 138 -37.26 -6.61 -22.17
N ILE C 139 -36.46 -7.26 -23.03
CA ILE C 139 -35.05 -7.41 -22.72
C ILE C 139 -34.36 -6.05 -22.69
N LEU C 140 -34.66 -5.20 -23.68
CA LEU C 140 -34.07 -3.87 -23.71
C LEU C 140 -34.47 -3.06 -22.50
N ALA C 141 -35.75 -3.13 -22.11
CA ALA C 141 -36.18 -2.41 -20.92
C ALA C 141 -35.40 -2.86 -19.70
N GLN C 142 -35.33 -4.17 -19.47
CA GLN C 142 -34.62 -4.68 -18.29
C GLN C 142 -33.18 -4.21 -18.28
N PHE C 143 -32.45 -4.45 -19.36
CA PHE C 143 -31.03 -4.18 -19.32
C PHE C 143 -30.72 -2.69 -19.38
N GLY C 144 -31.50 -1.91 -20.13
CA GLY C 144 -31.30 -0.48 -20.13
C GLY C 144 -31.57 0.15 -18.78
N LEU C 145 -32.65 -0.27 -18.11
CA LEU C 145 -32.91 0.22 -16.76
C LEU C 145 -31.80 -0.20 -15.80
N SER C 146 -31.29 -1.43 -15.95
CA SER C 146 -30.21 -1.86 -15.07
C SER C 146 -28.95 -1.03 -15.29
N ILE C 147 -28.59 -0.78 -16.55
CA ILE C 147 -27.39 0.00 -16.83
C ILE C 147 -27.56 1.44 -16.37
N MET C 148 -28.76 2.01 -16.57
CA MET C 148 -29.03 3.36 -16.09
C MET C 148 -28.93 3.42 -14.58
N GLY C 149 -29.46 2.41 -13.89
CA GLY C 149 -29.33 2.38 -12.45
C GLY C 149 -27.88 2.32 -12.00
N PHE C 150 -27.07 1.54 -12.71
CA PHE C 150 -25.65 1.50 -12.42
C PHE C 150 -25.00 2.86 -12.64
N HIS C 151 -25.42 3.57 -13.70
CA HIS C 151 -24.86 4.88 -13.98
C HIS C 151 -25.20 5.87 -12.88
N MET C 152 -26.47 5.92 -12.48
CA MET C 152 -26.83 6.80 -11.36
C MET C 152 -26.14 6.38 -10.08
N GLY C 153 -25.91 5.08 -9.89
CA GLY C 153 -25.18 4.64 -8.72
C GLY C 153 -23.77 5.20 -8.69
N LYS C 154 -23.07 5.11 -9.82
CA LYS C 154 -21.71 5.66 -9.88
C LYS C 154 -21.71 7.17 -9.69
N GLN C 155 -22.65 7.86 -10.34
CA GLN C 155 -22.69 9.31 -10.23
C GLN C 155 -22.99 9.76 -8.81
N PHE C 156 -23.97 9.12 -8.15
CA PHE C 156 -24.28 9.47 -6.77
C PHE C 156 -23.16 9.07 -5.83
N SER C 157 -22.44 7.98 -6.13
CA SER C 157 -21.28 7.63 -5.33
C SER C 157 -20.23 8.73 -5.39
N ALA C 158 -19.96 9.24 -6.59
CA ALA C 158 -19.00 10.35 -6.71
C ALA C 158 -19.51 11.59 -5.97
N VAL C 159 -20.79 11.91 -6.12
CA VAL C 159 -21.35 13.12 -5.53
C VAL C 159 -21.33 13.04 -4.01
N VAL C 160 -21.55 11.85 -3.43
CA VAL C 160 -21.49 11.72 -1.98
C VAL C 160 -20.06 11.56 -1.48
N ASP C 161 -19.15 11.05 -2.31
CA ASP C 161 -17.77 10.84 -1.88
C ASP C 161 -16.99 12.15 -1.85
N ASN C 162 -17.24 13.04 -2.82
CA ASN C 162 -16.45 14.27 -2.86
C ASN C 162 -16.77 15.21 -1.70
N TYR C 163 -17.92 15.03 -1.03
CA TYR C 163 -18.28 15.90 0.08
C TYR C 163 -17.63 15.44 1.38
N LEU C 164 -18.00 14.26 1.86
CA LEU C 164 -17.48 13.72 3.11
C LEU C 164 -17.85 12.25 3.25
N PRO C 165 -16.91 11.39 3.64
CA PRO C 165 -17.25 9.96 3.79
C PRO C 165 -18.10 9.65 5.00
N LEU C 166 -18.16 10.53 6.00
CA LEU C 166 -18.94 10.33 7.22
C LEU C 166 -18.52 9.07 7.96
N VAL C 167 -17.24 8.68 7.83
CA VAL C 167 -16.66 7.52 8.47
C VAL C 167 -17.31 6.24 7.95
N THR C 168 -16.51 5.42 7.25
CA THR C 168 -17.05 4.20 6.63
C THR C 168 -17.56 3.21 7.68
N LYS C 169 -16.90 3.13 8.83
CA LYS C 169 -17.28 2.17 9.86
C LYS C 169 -18.66 2.44 10.43
N ARG C 170 -19.19 3.65 10.26
CA ARG C 170 -20.56 3.93 10.68
C ARG C 170 -21.57 3.10 9.89
N ILE C 171 -21.20 2.63 8.71
CA ILE C 171 -22.03 1.68 7.98
C ILE C 171 -21.66 0.24 8.38
N TYR C 172 -20.42 0.00 8.78
CA TYR C 172 -20.02 -1.31 9.25
C TYR C 172 -20.83 -1.71 10.48
N LYS C 173 -21.03 -0.78 11.41
CA LYS C 173 -21.80 -1.10 12.61
C LYS C 173 -23.25 -1.44 12.28
N VAL C 174 -23.87 -0.70 11.36
CA VAL C 174 -25.25 -1.00 11.02
C VAL C 174 -25.34 -2.33 10.27
N LEU C 175 -24.36 -2.64 9.42
CA LEU C 175 -24.35 -3.95 8.78
C LEU C 175 -24.26 -5.06 9.83
N GLU C 176 -23.38 -4.89 10.82
CA GLU C 176 -23.26 -5.91 11.86
C GLU C 176 -24.56 -6.06 12.65
N LEU C 177 -25.20 -4.95 13.02
CA LEU C 177 -26.42 -5.06 13.81
C LEU C 177 -27.53 -5.71 13.01
N THR C 178 -27.61 -5.41 11.71
CA THR C 178 -28.56 -6.11 10.85
C THR C 178 -28.23 -7.61 10.81
N SER C 179 -26.95 -7.96 10.82
CA SER C 179 -26.57 -9.36 10.85
C SER C 179 -27.07 -10.05 12.11
N MET C 180 -26.90 -9.40 13.28
CA MET C 180 -27.43 -9.99 14.51
C MET C 180 -28.96 -10.09 14.48
N ILE C 181 -29.64 -9.07 13.94
CA ILE C 181 -31.10 -9.16 13.86
C ILE C 181 -31.52 -10.32 12.99
N LEU C 182 -30.85 -10.50 11.84
CA LEU C 182 -31.16 -11.63 10.97
C LEU C 182 -30.90 -12.96 11.67
N GLY C 183 -29.79 -13.06 12.39
CA GLY C 183 -29.51 -14.28 13.12
C GLY C 183 -30.56 -14.59 14.17
N VAL C 184 -30.97 -13.57 14.93
CA VAL C 184 -31.96 -13.78 15.98
C VAL C 184 -33.29 -14.23 15.37
N VAL C 185 -33.71 -13.57 14.29
CA VAL C 185 -34.97 -13.94 13.65
C VAL C 185 -34.90 -15.36 13.09
N LEU C 186 -33.84 -15.65 12.33
CA LEU C 186 -33.66 -16.97 11.74
C LEU C 186 -33.63 -18.05 12.81
N VAL C 187 -33.13 -17.74 14.00
CA VAL C 187 -33.19 -18.71 15.09
C VAL C 187 -34.62 -18.87 15.58
N VAL C 188 -35.20 -17.79 16.12
CA VAL C 188 -36.42 -17.95 16.92
C VAL C 188 -37.61 -18.32 16.03
N ILE C 189 -37.82 -17.57 14.94
CA ILE C 189 -39.04 -17.78 14.16
C ILE C 189 -38.98 -19.13 13.45
N THR C 190 -37.82 -19.50 12.93
CA THR C 190 -37.71 -20.77 12.21
C THR C 190 -37.77 -21.96 13.16
N CYS C 191 -37.19 -21.83 14.36
CA CYS C 191 -37.20 -22.96 15.28
C CYS C 191 -38.57 -23.14 15.92
N ILE C 192 -39.24 -22.06 16.28
CA ILE C 192 -40.56 -22.14 16.91
C ILE C 192 -41.58 -22.18 15.77
N LEU C 193 -41.91 -23.39 15.34
CA LEU C 193 -42.91 -23.60 14.30
C LEU C 193 -43.32 -25.07 14.31
N ILE C 194 -44.44 -25.35 13.66
CA ILE C 194 -44.91 -26.72 13.53
C ILE C 194 -43.91 -27.52 12.68
N GLY C 195 -43.77 -28.81 13.01
CA GLY C 195 -42.83 -29.66 12.30
C GLY C 195 -43.14 -29.82 10.82
N VAL C 196 -44.39 -29.57 10.42
CA VAL C 196 -44.77 -29.66 9.02
C VAL C 196 -44.64 -28.29 8.37
N LYS C 197 -44.07 -27.33 9.11
CA LYS C 197 -43.85 -25.97 8.62
C LYS C 197 -45.18 -25.33 8.22
N LYS C 198 -45.99 -25.07 9.25
CA LYS C 198 -47.35 -24.55 9.12
C LYS C 198 -47.45 -23.49 8.03
N GLN C 199 -48.54 -23.55 7.27
CA GLN C 199 -48.69 -22.77 6.05
C GLN C 199 -48.93 -21.30 6.38
N GLY C 200 -49.22 -20.52 5.35
CA GLY C 200 -49.37 -19.08 5.46
C GLY C 200 -48.17 -18.35 4.90
N SER C 201 -48.08 -17.08 5.29
CA SER C 201 -46.93 -16.27 4.87
C SER C 201 -45.65 -16.69 5.59
N TRP C 202 -45.76 -17.41 6.70
CA TRP C 202 -44.57 -17.82 7.44
C TRP C 202 -43.74 -18.83 6.66
N ARG C 203 -44.35 -19.89 6.16
CA ARG C 203 -43.60 -20.89 5.42
C ARG C 203 -43.31 -20.45 3.99
N SER C 204 -44.04 -19.46 3.48
CA SER C 204 -43.86 -19.02 2.11
C SER C 204 -42.44 -18.55 1.83
N TRP C 205 -41.69 -18.19 2.86
CA TRP C 205 -40.32 -17.75 2.70
C TRP C 205 -39.29 -18.68 3.35
N THR C 206 -39.72 -19.66 4.15
CA THR C 206 -38.76 -20.45 4.92
C THR C 206 -37.87 -21.29 4.00
N PHE C 207 -38.47 -22.06 3.11
CA PHE C 207 -37.67 -22.92 2.23
C PHE C 207 -36.85 -22.09 1.25
N SER C 208 -37.42 -20.97 0.77
CA SER C 208 -36.67 -20.08 -0.10
C SER C 208 -35.44 -19.52 0.62
N MET C 209 -35.61 -19.13 1.89
CA MET C 209 -34.48 -18.66 2.67
C MET C 209 -33.44 -19.75 2.87
N LEU C 210 -33.90 -20.98 3.09
CA LEU C 210 -32.95 -22.07 3.31
C LEU C 210 -32.16 -22.38 2.04
N PHE C 211 -32.82 -22.32 0.88
CA PHE C 211 -32.15 -22.68 -0.37
C PHE C 211 -31.34 -21.54 -0.99
N ALA C 212 -31.63 -20.29 -0.65
CA ALA C 212 -30.93 -19.17 -1.29
C ALA C 212 -29.43 -19.15 -1.04
N PRO C 213 -28.92 -19.29 0.19
CA PRO C 213 -27.47 -19.17 0.39
C PRO C 213 -26.69 -20.24 -0.34
N PHE C 214 -27.26 -21.43 -0.54
CA PHE C 214 -26.53 -22.46 -1.28
C PHE C 214 -26.35 -22.07 -2.74
N GLY C 215 -27.38 -21.51 -3.36
CA GLY C 215 -27.22 -20.99 -4.70
C GLY C 215 -26.24 -19.84 -4.76
N ALA C 216 -26.28 -18.96 -3.77
CA ALA C 216 -25.31 -17.87 -3.72
C ALA C 216 -23.89 -18.39 -3.61
N LEU C 217 -23.68 -19.39 -2.76
CA LEU C 217 -22.36 -20.00 -2.61
C LEU C 217 -21.91 -20.65 -3.92
N LEU C 218 -22.81 -21.35 -4.60
CA LEU C 218 -22.45 -21.98 -5.87
C LEU C 218 -22.02 -20.93 -6.87
N ARG C 219 -22.76 -19.83 -6.97
CA ARG C 219 -22.36 -18.78 -7.90
C ARG C 219 -21.03 -18.15 -7.48
N TYR C 220 -20.81 -17.97 -6.18
CA TYR C 220 -19.55 -17.38 -5.73
C TYR C 220 -18.37 -18.25 -6.09
N TYR C 221 -18.48 -19.56 -5.86
CA TYR C 221 -17.38 -20.44 -6.17
C TYR C 221 -17.19 -20.59 -7.68
N LEU C 222 -18.26 -20.54 -8.45
CA LEU C 222 -18.13 -20.51 -9.91
C LEU C 222 -17.42 -19.24 -10.37
N SER C 223 -17.76 -18.10 -9.77
CA SER C 223 -17.19 -16.82 -10.15
C SER C 223 -15.79 -16.60 -9.59
N LYS C 224 -15.33 -17.44 -8.67
CA LYS C 224 -13.95 -17.36 -8.21
C LYS C 224 -13.05 -18.40 -8.85
N PHE C 225 -13.51 -19.65 -8.98
CA PHE C 225 -12.66 -20.71 -9.52
C PHE C 225 -12.66 -20.69 -11.04
N LEU C 226 -13.83 -20.87 -11.66
CA LEU C 226 -13.91 -20.99 -13.11
C LEU C 226 -13.81 -19.65 -13.81
N ASN C 227 -13.78 -18.55 -13.08
CA ASN C 227 -13.55 -17.24 -13.69
C ASN C 227 -12.13 -17.16 -14.23
N ASN C 228 -11.85 -16.06 -14.94
CA ASN C 228 -10.57 -15.68 -15.53
C ASN C 228 -9.79 -16.89 -16.03
N LYS C 229 -10.48 -17.82 -16.67
CA LYS C 229 -9.84 -18.96 -17.30
C LYS C 229 -9.55 -18.72 -18.77
N VAL C 230 -10.40 -17.96 -19.45
CA VAL C 230 -10.16 -17.50 -20.81
C VAL C 230 -10.28 -15.98 -20.81
N SER C 231 -9.34 -15.32 -21.48
CA SER C 231 -9.23 -13.87 -21.39
C SER C 231 -10.45 -13.18 -22.00
N ASN C 232 -10.81 -12.03 -21.42
CA ASN C 232 -11.87 -11.15 -21.92
C ASN C 232 -13.23 -11.83 -21.90
N PHE C 233 -13.30 -13.05 -21.36
CA PHE C 233 -14.56 -13.78 -21.24
C PHE C 233 -14.53 -14.47 -19.88
N PRO C 234 -15.05 -13.81 -18.84
CA PRO C 234 -14.94 -14.38 -17.49
C PRO C 234 -15.51 -15.78 -17.36
N LEU C 235 -16.59 -16.08 -18.07
CA LEU C 235 -17.10 -17.44 -18.22
C LEU C 235 -17.63 -17.99 -16.90
N GLY C 236 -17.42 -17.28 -15.80
CA GLY C 236 -17.92 -17.76 -14.52
C GLY C 236 -19.37 -17.37 -14.35
N THR C 237 -19.63 -16.07 -14.37
CA THR C 237 -20.99 -15.58 -14.30
C THR C 237 -21.84 -16.14 -15.42
N PHE C 238 -21.25 -16.35 -16.61
CA PHE C 238 -22.01 -16.87 -17.74
C PHE C 238 -22.48 -18.29 -17.48
N THR C 239 -21.57 -19.17 -17.02
CA THR C 239 -21.98 -20.54 -16.71
C THR C 239 -22.96 -20.56 -15.55
N ALA C 240 -22.76 -19.69 -14.56
CA ALA C 240 -23.71 -19.63 -13.44
C ALA C 240 -25.11 -19.26 -13.94
N ASN C 241 -25.19 -18.24 -14.80
CA ASN C 241 -26.48 -17.83 -15.33
C ASN C 241 -27.10 -18.91 -16.21
N PHE C 242 -26.27 -19.59 -17.00
CA PHE C 242 -26.76 -20.68 -17.84
C PHE C 242 -27.35 -21.80 -16.99
N LEU C 243 -26.61 -22.25 -15.98
CA LEU C 243 -27.12 -23.29 -15.10
C LEU C 243 -28.41 -22.83 -14.43
N GLY C 244 -28.44 -21.59 -13.95
CA GLY C 244 -29.64 -21.08 -13.29
C GLY C 244 -30.84 -21.06 -14.22
N THR C 245 -30.65 -20.59 -15.46
CA THR C 245 -31.79 -20.43 -16.34
C THR C 245 -32.32 -21.77 -16.82
N LEU C 246 -31.42 -22.73 -17.15
CA LEU C 246 -31.92 -24.05 -17.50
C LEU C 246 -32.59 -24.74 -16.30
N LEU C 247 -32.02 -24.60 -15.11
CA LEU C 247 -32.65 -25.21 -13.94
C LEU C 247 -34.03 -24.62 -13.70
N LEU C 248 -34.14 -23.29 -13.79
CA LEU C 248 -35.43 -22.64 -13.59
C LEU C 248 -36.43 -23.04 -14.67
N ALA C 249 -35.97 -23.16 -15.93
CA ALA C 249 -36.87 -23.58 -16.99
C ALA C 249 -37.37 -25.00 -16.76
N VAL C 250 -36.47 -25.90 -16.35
CA VAL C 250 -36.87 -27.29 -16.10
C VAL C 250 -37.90 -27.35 -14.97
N PHE C 251 -37.63 -26.64 -13.87
CA PHE C 251 -38.54 -26.71 -12.75
C PHE C 251 -39.83 -25.93 -12.98
N THR C 252 -39.81 -24.94 -13.88
CA THR C 252 -41.05 -24.25 -14.23
C THR C 252 -41.91 -25.11 -15.13
N LEU C 253 -41.29 -25.81 -16.09
CA LEU C 253 -42.01 -26.82 -16.84
C LEU C 253 -42.56 -27.90 -15.91
N LEU C 254 -41.79 -28.27 -14.89
CA LEU C 254 -42.26 -29.25 -13.93
C LEU C 254 -43.47 -28.72 -13.16
N ALA C 255 -43.44 -27.45 -12.77
CA ALA C 255 -44.55 -26.87 -12.04
C ALA C 255 -45.64 -26.37 -12.97
N ARG C 256 -45.31 -25.39 -13.82
CA ARG C 256 -46.33 -24.77 -14.67
C ARG C 256 -46.75 -25.70 -15.81
N GLY C 257 -45.79 -26.36 -16.47
CA GLY C 257 -46.11 -27.11 -17.66
C GLY C 257 -47.03 -28.28 -17.38
N LYS C 258 -46.74 -29.06 -16.34
CA LYS C 258 -47.49 -30.26 -15.99
C LYS C 258 -47.63 -31.18 -17.21
N LEU C 259 -46.48 -31.64 -17.70
CA LEU C 259 -46.46 -32.42 -18.93
C LEU C 259 -47.31 -33.68 -18.85
N PRO C 260 -47.24 -34.51 -17.81
CA PRO C 260 -48.21 -35.61 -17.69
C PRO C 260 -49.64 -35.13 -17.50
N GLY C 261 -49.83 -33.90 -17.04
CA GLY C 261 -51.14 -33.36 -16.73
C GLY C 261 -51.53 -33.50 -15.27
N GLY C 262 -51.18 -34.64 -14.66
CA GLY C 262 -51.45 -34.90 -13.27
C GLY C 262 -50.42 -34.39 -12.29
N LYS C 263 -49.36 -33.71 -12.77
CA LYS C 263 -48.34 -33.24 -11.85
C LYS C 263 -48.87 -32.11 -10.99
N GLY C 264 -49.77 -31.28 -11.55
CA GLY C 264 -50.48 -30.31 -10.75
C GLY C 264 -51.34 -30.95 -9.68
N HIS C 265 -52.01 -32.06 -10.04
CA HIS C 265 -52.78 -32.80 -9.04
C HIS C 265 -51.87 -33.35 -7.95
N ILE C 266 -50.66 -33.78 -8.31
CA ILE C 266 -49.70 -34.25 -7.31
C ILE C 266 -49.29 -33.11 -6.39
N VAL C 267 -49.08 -31.92 -6.95
CA VAL C 267 -48.60 -30.79 -6.17
C VAL C 267 -49.76 -30.02 -5.56
N THR C 268 -50.98 -30.56 -5.67
CA THR C 268 -52.10 -29.97 -4.93
C THR C 268 -51.80 -29.92 -3.44
N ASN C 269 -51.11 -30.94 -2.92
CA ASN C 269 -50.63 -30.88 -1.54
C ASN C 269 -49.65 -29.72 -1.41
N THR C 270 -49.77 -28.97 -0.32
CA THR C 270 -49.01 -27.74 -0.17
C THR C 270 -47.59 -28.02 0.35
N ILE C 271 -46.92 -28.99 -0.25
CA ILE C 271 -45.51 -29.24 0.05
C ILE C 271 -44.72 -29.29 -1.26
N ALA C 272 -45.18 -30.09 -2.21
CA ALA C 272 -44.43 -30.30 -3.45
C ALA C 272 -44.35 -29.04 -4.29
N LEU C 273 -45.45 -28.30 -4.39
CA LEU C 273 -45.41 -27.05 -5.16
C LEU C 273 -44.62 -25.98 -4.42
N HIS C 274 -44.75 -25.93 -3.10
CA HIS C 274 -44.09 -24.86 -2.34
C HIS C 274 -42.59 -25.06 -2.23
N VAL C 275 -42.09 -26.29 -2.21
CA VAL C 275 -40.64 -26.48 -2.22
C VAL C 275 -40.07 -25.99 -3.55
N LEU C 276 -40.78 -26.27 -4.66
CA LEU C 276 -40.34 -25.76 -5.96
C LEU C 276 -40.42 -24.24 -6.00
N GLU C 277 -41.46 -23.67 -5.40
CA GLU C 277 -41.58 -22.22 -5.37
C GLU C 277 -40.43 -21.60 -4.57
N GLY C 278 -40.10 -22.19 -3.42
CA GLY C 278 -38.97 -21.70 -2.65
C GLY C 278 -37.66 -21.86 -3.38
N LEU C 279 -37.52 -22.93 -4.15
CA LEU C 279 -36.33 -23.11 -4.97
C LEU C 279 -36.23 -22.00 -6.02
N ASP C 280 -37.34 -21.76 -6.74
CA ASP C 280 -37.39 -20.65 -7.68
C ASP C 280 -37.02 -19.33 -7.01
N ASP C 281 -37.48 -19.13 -5.79
CA ASP C 281 -37.19 -17.90 -5.07
C ASP C 281 -35.71 -17.78 -4.74
N GLY C 282 -35.13 -18.83 -4.16
CA GLY C 282 -33.80 -18.74 -3.59
C GLY C 282 -32.65 -19.25 -4.43
N PHE C 283 -32.76 -20.47 -4.97
CA PHE C 283 -31.59 -21.10 -5.57
C PHE C 283 -31.25 -20.47 -6.90
N CYS C 284 -32.16 -20.54 -7.87
CA CYS C 284 -31.87 -19.93 -9.17
C CYS C 284 -31.74 -18.43 -9.05
N GLY C 285 -32.41 -17.82 -8.07
CA GLY C 285 -32.28 -16.40 -7.85
C GLY C 285 -30.97 -15.98 -7.21
N GLY C 286 -30.30 -16.91 -6.53
CA GLY C 286 -29.02 -16.61 -5.93
C GLY C 286 -27.88 -17.10 -6.79
N LEU C 287 -28.21 -17.79 -7.88
CA LEU C 287 -27.22 -18.28 -8.82
C LEU C 287 -27.05 -17.38 -10.04
N THR C 288 -28.07 -16.61 -10.39
CA THR C 288 -28.01 -15.73 -11.55
C THR C 288 -28.09 -14.28 -11.09
N THR C 289 -27.12 -13.47 -11.51
CA THR C 289 -26.99 -12.11 -11.04
C THR C 289 -26.78 -11.18 -12.22
N VAL C 290 -27.63 -10.15 -12.34
CA VAL C 290 -27.36 -9.11 -13.32
C VAL C 290 -26.37 -8.10 -12.76
N SER C 291 -26.26 -7.98 -11.44
CA SER C 291 -25.36 -7.01 -10.85
C SER C 291 -23.91 -7.31 -11.23
N THR C 292 -23.46 -8.54 -11.01
CA THR C 292 -22.16 -8.94 -11.53
C THR C 292 -22.17 -8.90 -13.05
N PHE C 293 -23.31 -9.24 -13.65
CA PHE C 293 -23.44 -9.13 -15.11
C PHE C 293 -23.28 -7.69 -15.57
N VAL C 294 -23.87 -6.73 -14.85
CA VAL C 294 -23.71 -5.32 -15.21
C VAL C 294 -22.25 -4.89 -15.03
N VAL C 295 -21.61 -5.33 -13.95
CA VAL C 295 -20.20 -4.98 -13.75
C VAL C 295 -19.35 -5.50 -14.91
N GLU C 296 -19.59 -6.75 -15.32
CA GLU C 296 -18.91 -7.28 -16.49
C GLU C 296 -19.30 -6.54 -17.77
N LEU C 297 -20.49 -5.94 -17.78
CA LEU C 297 -20.97 -5.06 -18.85
C LEU C 297 -20.36 -3.67 -18.73
N PHE C 298 -21.05 -2.68 -19.31
CA PHE C 298 -20.48 -1.39 -19.72
C PHE C 298 -19.69 -0.68 -18.64
N GLY C 299 -19.71 -1.16 -17.40
CA GLY C 299 -18.72 -0.67 -16.44
C GLY C 299 -17.32 -0.68 -17.01
N LEU C 300 -16.83 -1.86 -17.38
CA LEU C 300 -15.55 -2.01 -18.06
C LEU C 300 -15.67 -3.09 -19.14
N LYS C 301 -14.55 -3.69 -19.53
CA LYS C 301 -14.51 -4.56 -20.72
C LYS C 301 -14.91 -3.74 -21.94
N THR C 302 -14.08 -2.78 -22.31
CA THR C 302 -14.39 -1.88 -23.42
C THR C 302 -14.65 -2.68 -24.69
N LEU C 303 -15.57 -2.16 -25.51
CA LEU C 303 -15.87 -2.69 -26.83
C LEU C 303 -16.40 -4.12 -26.77
N PHE C 304 -15.57 -5.06 -26.35
CA PHE C 304 -15.90 -6.48 -26.47
C PHE C 304 -17.11 -6.86 -25.62
N SER C 305 -17.56 -5.99 -24.72
CA SER C 305 -18.68 -6.29 -23.84
C SER C 305 -19.92 -6.73 -24.61
N TYR C 306 -20.16 -6.12 -25.76
CA TYR C 306 -21.36 -6.46 -26.53
C TYR C 306 -21.36 -7.92 -26.93
N ARG C 307 -20.18 -8.47 -27.26
CA ARG C 307 -20.10 -9.87 -27.63
C ARG C 307 -20.52 -10.76 -26.46
N TYR C 308 -20.03 -10.46 -25.26
CA TYR C 308 -20.39 -11.27 -24.10
C TYR C 308 -21.89 -11.18 -23.82
N GLY C 309 -22.44 -9.96 -23.86
CA GLY C 309 -23.87 -9.82 -23.59
C GLY C 309 -24.70 -10.58 -24.60
N THR C 310 -24.36 -10.45 -25.88
CA THR C 310 -25.12 -11.13 -26.93
C THR C 310 -25.04 -12.64 -26.78
N ILE C 311 -23.83 -13.18 -26.56
CA ILE C 311 -23.71 -14.63 -26.46
C ILE C 311 -24.48 -15.14 -25.25
N SER C 312 -24.37 -14.45 -24.10
CA SER C 312 -25.08 -14.90 -22.91
C SER C 312 -26.59 -14.91 -23.14
N ILE C 313 -27.14 -13.79 -23.63
CA ILE C 313 -28.58 -13.70 -23.80
C ILE C 313 -29.08 -14.72 -24.80
N LEU C 314 -28.40 -14.83 -25.95
CA LEU C 314 -28.85 -15.75 -26.99
C LEU C 314 -28.76 -17.20 -26.54
N VAL C 315 -27.68 -17.59 -25.86
CA VAL C 315 -27.59 -19.00 -25.45
C VAL C 315 -28.63 -19.30 -24.38
N CYS C 316 -28.88 -18.35 -23.46
CA CYS C 316 -29.90 -18.59 -22.45
C CYS C 316 -31.28 -18.74 -23.08
N PHE C 317 -31.61 -17.86 -24.04
CA PHE C 317 -32.91 -17.97 -24.70
C PHE C 317 -33.02 -19.26 -25.49
N ALA C 318 -31.94 -19.66 -26.18
CA ALA C 318 -31.97 -20.90 -26.94
C ALA C 318 -32.17 -22.09 -26.01
N GLY C 319 -31.52 -22.08 -24.85
CA GLY C 319 -31.74 -23.15 -23.90
C GLY C 319 -33.19 -23.22 -23.43
N VAL C 320 -33.72 -22.09 -22.96
CA VAL C 320 -35.09 -22.11 -22.44
C VAL C 320 -36.08 -22.47 -23.52
N VAL C 321 -35.74 -22.19 -24.79
CA VAL C 321 -36.53 -22.72 -25.90
C VAL C 321 -36.37 -24.23 -26.00
N LEU C 322 -35.16 -24.74 -25.73
CA LEU C 322 -34.93 -26.17 -25.81
C LEU C 322 -35.77 -26.93 -24.79
N ILE C 323 -35.93 -26.38 -23.58
CA ILE C 323 -36.82 -27.03 -22.62
C ILE C 323 -38.25 -27.09 -23.15
N LEU C 324 -38.67 -26.13 -23.98
CA LEU C 324 -40.00 -26.20 -24.56
C LEU C 324 -40.18 -27.48 -25.38
N GLY C 325 -39.18 -27.84 -26.17
CA GLY C 325 -39.25 -29.05 -26.97
C GLY C 325 -39.22 -30.33 -26.15
#